data_2MJO
#
_entry.id   2MJO
#
_entity_poly.entity_id   1
_entity_poly.type   'polypeptide(L)'
_entity_poly.pdbx_seq_one_letter_code
;MTRGTTDNLIPVYASILAAVVVGLVAYIAFKRWNSSKQNKQ
;
_entity_poly.pdbx_strand_id   A,B
#
# COMPACT_ATOMS: atom_id res chain seq x y z
N MET A 1 3.88 -6.98 -25.47
CA MET A 1 3.15 -5.87 -24.89
C MET A 1 3.19 -4.65 -25.81
N THR A 2 2.23 -3.75 -25.65
CA THR A 2 2.15 -2.54 -26.46
C THR A 2 1.90 -1.31 -25.61
N ARG A 3 2.94 -0.51 -25.41
CA ARG A 3 2.82 0.70 -24.61
C ARG A 3 3.53 1.87 -25.28
N GLY A 4 3.34 3.07 -24.73
CA GLY A 4 3.97 4.25 -25.29
C GLY A 4 5.48 4.17 -25.27
N THR A 5 6.13 5.03 -26.06
CA THR A 5 7.58 5.05 -26.14
C THR A 5 8.20 5.25 -24.76
N THR A 6 7.77 6.31 -24.07
CA THR A 6 8.28 6.62 -22.74
C THR A 6 7.26 7.42 -21.94
N ASP A 7 7.60 7.69 -20.69
CA ASP A 7 6.72 8.46 -19.81
C ASP A 7 5.34 7.79 -19.71
N ASN A 8 5.32 6.48 -19.89
CA ASN A 8 4.07 5.72 -19.83
C ASN A 8 4.06 4.82 -18.60
N LEU A 9 5.16 4.11 -18.38
CA LEU A 9 5.27 3.21 -17.24
C LEU A 9 5.97 3.89 -16.07
N ILE A 10 6.67 4.98 -16.36
CA ILE A 10 7.38 5.72 -15.32
C ILE A 10 6.47 6.02 -14.14
N PRO A 11 5.35 6.71 -14.41
CA PRO A 11 4.37 7.08 -13.38
C PRO A 11 3.62 5.87 -12.84
N VAL A 12 3.58 4.80 -13.63
CA VAL A 12 2.88 3.58 -13.24
C VAL A 12 3.58 2.93 -12.05
N TYR A 13 4.83 2.54 -12.24
CA TYR A 13 5.61 1.90 -11.18
C TYR A 13 5.77 2.82 -9.98
N ALA A 14 6.03 4.09 -10.27
CA ALA A 14 6.20 5.09 -9.21
C ALA A 14 5.03 5.07 -8.24
N SER A 15 3.82 5.23 -8.78
CA SER A 15 2.61 5.24 -7.97
C SER A 15 2.45 3.92 -7.22
N ILE A 16 2.46 2.82 -7.98
CA ILE A 16 2.31 1.49 -7.40
C ILE A 16 3.28 1.28 -6.24
N LEU A 17 4.52 1.70 -6.43
CA LEU A 17 5.54 1.57 -5.40
C LEU A 17 5.16 2.37 -4.15
N ALA A 18 4.58 3.55 -4.36
CA ALA A 18 4.17 4.41 -3.26
C ALA A 18 3.11 3.72 -2.40
N ALA A 19 2.01 3.31 -3.03
CA ALA A 19 0.94 2.64 -2.32
C ALA A 19 1.46 1.46 -1.49
N VAL A 20 2.36 0.69 -2.09
CA VAL A 20 2.94 -0.47 -1.41
C VAL A 20 3.74 -0.05 -0.19
N VAL A 21 4.74 0.81 -0.42
CA VAL A 21 5.59 1.30 0.67
C VAL A 21 4.75 1.91 1.78
N VAL A 22 3.79 2.74 1.40
CA VAL A 22 2.92 3.40 2.37
C VAL A 22 2.10 2.37 3.15
N GLY A 23 1.59 1.36 2.44
CA GLY A 23 0.80 0.34 3.08
C GLY A 23 1.56 -0.42 4.15
N LEU A 24 2.82 -0.72 3.86
CA LEU A 24 3.67 -1.44 4.81
C LEU A 24 4.06 -0.54 5.98
N VAL A 25 4.56 0.64 5.67
CA VAL A 25 4.97 1.59 6.69
C VAL A 25 3.80 2.01 7.57
N ALA A 26 2.75 2.51 6.93
CA ALA A 26 1.55 2.94 7.66
C ALA A 26 1.03 1.82 8.55
N TYR A 27 0.74 0.68 7.94
CA TYR A 27 0.21 -0.47 8.67
C TYR A 27 1.07 -0.76 9.90
N ILE A 28 2.30 -1.18 9.67
CA ILE A 28 3.23 -1.50 10.75
C ILE A 28 3.30 -0.35 11.77
N ALA A 29 3.61 0.84 11.27
CA ALA A 29 3.70 2.02 12.13
C ALA A 29 2.50 2.12 13.05
N PHE A 30 1.31 2.26 12.46
CA PHE A 30 0.08 2.38 13.22
C PHE A 30 -0.15 1.13 14.07
N LYS A 31 0.45 0.02 13.66
CA LYS A 31 0.32 -1.24 14.38
C LYS A 31 1.22 -1.27 15.60
N ARG A 32 2.28 -0.46 15.57
CA ARG A 32 3.23 -0.40 16.67
C ARG A 32 2.74 0.56 17.75
N TRP A 33 2.39 1.77 17.35
CA TRP A 33 1.90 2.78 18.28
C TRP A 33 0.65 2.30 19.00
N ASN A 34 -0.07 1.38 18.37
CA ASN A 34 -1.29 0.84 18.96
C ASN A 34 -1.01 0.17 20.29
N SER A 35 0.24 -0.24 20.48
CA SER A 35 0.64 -0.90 21.73
C SER A 35 0.93 0.13 22.82
N SER A 36 0.79 1.40 22.48
CA SER A 36 1.03 2.48 23.42
C SER A 36 2.49 2.47 23.90
N LYS A 37 3.38 1.99 23.05
CA LYS A 37 4.80 1.93 23.37
C LYS A 37 5.52 3.19 22.92
N GLN A 38 5.86 4.05 23.88
CA GLN A 38 6.55 5.29 23.59
C GLN A 38 8.05 5.06 23.42
N ASN A 39 8.67 5.81 22.52
CA ASN A 39 10.10 5.68 22.27
C ASN A 39 10.63 6.90 21.52
N LYS A 40 11.90 7.20 21.74
CA LYS A 40 12.55 8.35 21.10
C LYS A 40 12.59 8.16 19.59
N GLN A 41 11.93 9.04 18.86
CA GLN A 41 11.90 8.98 17.40
C GLN A 41 13.03 9.80 16.79
N MET B 1 0.89 -16.54 -24.38
CA MET B 1 1.76 -16.21 -23.26
C MET B 1 2.42 -17.47 -22.70
N THR B 2 3.54 -17.28 -22.01
CA THR B 2 4.28 -18.40 -21.43
C THR B 2 4.66 -18.11 -19.97
N ARG B 3 3.94 -18.72 -19.04
CA ARG B 3 4.20 -18.53 -17.62
C ARG B 3 4.13 -19.85 -16.87
N GLY B 4 4.50 -19.82 -15.59
CA GLY B 4 4.48 -21.03 -14.79
C GLY B 4 3.10 -21.64 -14.69
N THR B 5 3.03 -22.91 -14.31
CA THR B 5 1.76 -23.60 -14.18
C THR B 5 0.84 -22.89 -13.19
N THR B 6 1.30 -22.78 -11.95
CA THR B 6 0.52 -22.12 -10.91
C THR B 6 1.41 -21.70 -9.74
N ASP B 7 0.80 -21.03 -8.76
CA ASP B 7 1.54 -20.57 -7.59
C ASP B 7 2.74 -19.73 -7.99
N ASN B 8 2.64 -19.08 -9.16
CA ASN B 8 3.71 -18.23 -9.66
C ASN B 8 3.31 -16.77 -9.64
N LEU B 9 2.13 -16.47 -10.18
CA LEU B 9 1.63 -15.10 -10.23
C LEU B 9 0.54 -14.90 -9.19
N ILE B 10 -0.06 -15.99 -8.72
CA ILE B 10 -1.11 -15.93 -7.72
C ILE B 10 -0.69 -15.07 -6.53
N PRO B 11 0.43 -15.44 -5.90
CA PRO B 11 0.96 -14.70 -4.75
C PRO B 11 1.52 -13.35 -5.13
N VAL B 12 1.87 -13.18 -6.39
CA VAL B 12 2.41 -11.92 -6.89
C VAL B 12 1.37 -10.81 -6.83
N TYR B 13 0.30 -10.97 -7.60
CA TYR B 13 -0.77 -9.99 -7.64
C TYR B 13 -1.49 -9.92 -6.30
N ALA B 14 -1.71 -11.08 -5.69
CA ALA B 14 -2.39 -11.16 -4.39
C ALA B 14 -1.72 -10.24 -3.37
N SER B 15 -0.42 -10.45 -3.17
CA SER B 15 0.35 -9.66 -2.22
C SER B 15 0.31 -8.18 -2.59
N ILE B 16 0.71 -7.88 -3.82
CA ILE B 16 0.73 -6.50 -4.31
C ILE B 16 -0.61 -5.82 -4.06
N LEU B 17 -1.69 -6.53 -4.34
CA LEU B 17 -3.04 -6.00 -4.15
C LEU B 17 -3.27 -5.63 -2.69
N ALA B 18 -2.82 -6.48 -1.78
CA ALA B 18 -2.97 -6.23 -0.35
C ALA B 18 -2.27 -4.95 0.06
N ALA B 19 -1.02 -4.78 -0.36
CA ALA B 19 -0.24 -3.60 -0.04
C ALA B 19 -0.95 -2.34 -0.52
N VAL B 20 -1.58 -2.42 -1.69
CA VAL B 20 -2.29 -1.29 -2.26
C VAL B 20 -3.60 -1.04 -1.54
N VAL B 21 -4.34 -2.12 -1.28
CA VAL B 21 -5.62 -2.03 -0.60
C VAL B 21 -5.46 -1.50 0.82
N VAL B 22 -4.45 -2.00 1.52
CA VAL B 22 -4.17 -1.57 2.89
C VAL B 22 -3.64 -0.14 2.92
N GLY B 23 -2.74 0.18 1.98
CA GLY B 23 -2.17 1.50 1.91
C GLY B 23 -3.21 2.57 1.67
N LEU B 24 -4.19 2.27 0.83
CA LEU B 24 -5.25 3.22 0.50
C LEU B 24 -6.20 3.40 1.69
N VAL B 25 -6.70 2.27 2.21
CA VAL B 25 -7.61 2.31 3.36
C VAL B 25 -6.93 2.90 4.58
N ALA B 26 -5.81 2.32 4.97
CA ALA B 26 -5.06 2.79 6.14
C ALA B 26 -4.78 4.29 6.03
N TYR B 27 -4.08 4.68 4.97
CA TYR B 27 -3.73 6.08 4.75
C TYR B 27 -4.96 6.98 4.96
N ILE B 28 -5.91 6.87 4.04
CA ILE B 28 -7.13 7.66 4.11
C ILE B 28 -7.75 7.60 5.50
N ALA B 29 -7.99 6.38 5.98
CA ALA B 29 -8.57 6.17 7.30
C ALA B 29 -7.87 7.01 8.36
N PHE B 30 -6.61 6.66 8.64
CA PHE B 30 -5.82 7.39 9.63
C PHE B 30 -5.73 8.87 9.27
N LYS B 31 -5.93 9.18 8.00
CA LYS B 31 -5.87 10.56 7.53
C LYS B 31 -7.16 11.30 7.86
N ARG B 32 -8.24 10.55 8.03
CA ARG B 32 -9.54 11.15 8.36
C ARG B 32 -9.68 11.35 9.86
N TRP B 33 -9.40 10.31 10.62
CA TRP B 33 -9.49 10.38 12.08
C TRP B 33 -8.59 11.49 12.63
N ASN B 34 -7.56 11.84 11.87
CA ASN B 34 -6.63 12.89 12.28
C ASN B 34 -7.36 14.21 12.51
N SER B 35 -8.53 14.35 11.89
CA SER B 35 -9.32 15.57 12.02
C SER B 35 -10.21 15.50 13.27
N SER B 36 -10.05 14.43 14.04
CA SER B 36 -10.85 14.24 15.25
C SER B 36 -12.33 14.17 14.92
N LYS B 37 -12.64 13.73 13.71
CA LYS B 37 -14.03 13.61 13.27
C LYS B 37 -14.57 12.22 13.55
N GLN B 38 -15.41 12.11 14.58
CA GLN B 38 -16.00 10.84 14.96
C GLN B 38 -17.23 10.53 14.10
N ASN B 39 -17.42 9.25 13.78
CA ASN B 39 -18.55 8.83 12.97
C ASN B 39 -18.77 7.32 13.09
N LYS B 40 -20.02 6.91 12.95
CA LYS B 40 -20.37 5.49 13.05
C LYS B 40 -19.73 4.70 11.92
N GLN B 41 -18.87 3.75 12.26
CA GLN B 41 -18.20 2.93 11.27
C GLN B 41 -18.99 1.66 10.99
N MET A 1 22.45 -4.95 -25.69
CA MET A 1 21.95 -5.32 -24.36
C MET A 1 21.34 -4.10 -23.66
N THR A 2 20.72 -3.23 -24.44
CA THR A 2 20.10 -2.02 -23.91
C THR A 2 18.58 -2.14 -23.87
N ARG A 3 17.97 -2.17 -25.06
CA ARG A 3 16.52 -2.29 -25.17
C ARG A 3 15.83 -1.14 -24.45
N GLY A 4 16.38 0.06 -24.58
CA GLY A 4 15.80 1.22 -23.94
C GLY A 4 14.50 1.65 -24.57
N THR A 5 13.43 1.66 -23.78
CA THR A 5 12.11 2.05 -24.27
C THR A 5 11.23 2.55 -23.14
N THR A 6 10.58 3.68 -23.35
CA THR A 6 9.71 4.28 -22.36
C THR A 6 8.25 4.22 -22.80
N ASP A 7 7.39 3.70 -21.93
CA ASP A 7 5.96 3.59 -22.24
C ASP A 7 5.12 4.14 -21.09
N ASN A 8 5.54 5.28 -20.54
CA ASN A 8 4.83 5.90 -19.43
C ASN A 8 4.83 5.00 -18.21
N LEU A 9 5.85 4.16 -18.10
CA LEU A 9 5.97 3.24 -16.97
C LEU A 9 6.51 3.96 -15.74
N ILE A 10 7.16 5.10 -15.96
CA ILE A 10 7.71 5.88 -14.88
C ILE A 10 6.68 6.12 -13.78
N PRO A 11 5.55 6.74 -14.15
CA PRO A 11 4.46 7.04 -13.22
C PRO A 11 3.74 5.77 -12.76
N VAL A 12 3.73 4.75 -13.61
CA VAL A 12 3.07 3.49 -13.29
C VAL A 12 3.72 2.83 -12.08
N TYR A 13 5.00 2.48 -12.22
CA TYR A 13 5.74 1.83 -11.16
C TYR A 13 5.89 2.76 -9.96
N ALA A 14 6.17 4.03 -10.22
CA ALA A 14 6.32 5.03 -9.16
C ALA A 14 5.14 5.00 -8.21
N SER A 15 3.93 5.11 -8.77
CA SER A 15 2.72 5.12 -7.96
C SER A 15 2.56 3.79 -7.22
N ILE A 16 2.59 2.69 -7.98
CA ILE A 16 2.45 1.37 -7.40
C ILE A 16 3.40 1.17 -6.22
N LEU A 17 4.65 1.61 -6.40
CA LEU A 17 5.65 1.49 -5.35
C LEU A 17 5.26 2.31 -4.12
N ALA A 18 4.67 3.48 -4.36
CA ALA A 18 4.24 4.35 -3.27
C ALA A 18 3.19 3.67 -2.41
N ALA A 19 2.08 3.28 -3.02
CA ALA A 19 1.00 2.62 -2.31
C ALA A 19 1.52 1.46 -1.48
N VAL A 20 2.37 0.63 -2.09
CA VAL A 20 2.94 -0.52 -1.40
C VAL A 20 3.73 -0.10 -0.18
N VAL A 21 4.70 0.80 -0.38
CA VAL A 21 5.53 1.28 0.70
C VAL A 21 4.68 1.91 1.80
N VAL A 22 3.68 2.68 1.41
CA VAL A 22 2.80 3.35 2.37
C VAL A 22 2.00 2.32 3.16
N GLY A 23 1.52 1.29 2.49
CA GLY A 23 0.75 0.26 3.15
C GLY A 23 1.55 -0.46 4.23
N LEU A 24 2.79 -0.77 3.93
CA LEU A 24 3.67 -1.47 4.88
C LEU A 24 4.08 -0.53 6.01
N VAL A 25 4.54 0.67 5.66
CA VAL A 25 4.95 1.65 6.65
C VAL A 25 3.79 2.06 7.54
N ALA A 26 2.73 2.58 6.93
CA ALA A 26 1.56 3.02 7.67
C ALA A 26 1.06 1.91 8.59
N TYR A 27 0.78 0.74 8.02
CA TYR A 27 0.31 -0.39 8.80
C TYR A 27 1.19 -0.65 10.01
N ILE A 28 2.42 -1.08 9.75
CA ILE A 28 3.37 -1.36 10.82
C ILE A 28 3.47 -0.20 11.79
N ALA A 29 3.80 0.97 11.28
CA ALA A 29 3.92 2.17 12.09
C ALA A 29 2.72 2.32 13.02
N PHE A 30 1.53 2.45 12.44
CA PHE A 30 0.31 2.60 13.22
C PHE A 30 0.11 1.40 14.14
N LYS A 31 0.68 0.27 13.77
CA LYS A 31 0.56 -0.95 14.57
C LYS A 31 1.30 -0.81 15.89
N ARG A 32 2.57 -0.41 15.81
CA ARG A 32 3.40 -0.23 17.01
C ARG A 32 2.95 1.00 17.79
N TRP A 33 2.45 2.00 17.09
CA TRP A 33 2.00 3.23 17.72
C TRP A 33 0.74 2.98 18.56
N ASN A 34 0.00 1.93 18.20
CA ASN A 34 -1.22 1.58 18.92
C ASN A 34 -0.91 1.25 20.37
N SER A 35 0.31 0.80 20.63
CA SER A 35 0.73 0.45 21.99
C SER A 35 1.15 1.68 22.77
N SER A 36 1.11 2.84 22.11
CA SER A 36 1.48 4.10 22.74
C SER A 36 2.90 4.01 23.31
N LYS A 37 3.78 3.33 22.59
CA LYS A 37 5.16 3.18 23.01
C LYS A 37 6.07 4.16 22.29
N GLN A 38 7.00 4.77 23.03
CA GLN A 38 7.92 5.73 22.45
C GLN A 38 9.22 5.81 23.27
N ASN A 39 10.34 5.58 22.61
CA ASN A 39 11.63 5.62 23.27
C ASN A 39 12.29 6.99 23.12
N LYS A 40 12.68 7.32 21.89
CA LYS A 40 13.32 8.59 21.61
C LYS A 40 12.27 9.67 21.37
N GLN A 41 12.21 10.65 22.27
CA GLN A 41 11.26 11.75 22.14
C GLN A 41 11.53 12.57 20.89
N MET B 1 -9.83 -11.87 -26.47
CA MET B 1 -9.58 -10.99 -25.32
C MET B 1 -9.50 -11.78 -24.02
N THR B 2 -8.96 -12.99 -24.11
CA THR B 2 -8.82 -13.85 -22.95
C THR B 2 -7.38 -13.89 -22.45
N ARG B 3 -6.51 -14.51 -23.25
CA ARG B 3 -5.10 -14.63 -22.89
C ARG B 3 -4.92 -15.35 -21.56
N GLY B 4 -5.68 -16.43 -21.38
CA GLY B 4 -5.59 -17.19 -20.14
C GLY B 4 -4.26 -17.90 -19.99
N THR B 5 -3.53 -17.56 -18.94
CA THR B 5 -2.23 -18.16 -18.68
C THR B 5 -1.85 -18.03 -17.21
N THR B 6 -1.37 -19.12 -16.62
CA THR B 6 -0.96 -19.12 -15.22
C THR B 6 0.55 -19.24 -15.09
N ASP B 7 1.16 -18.26 -14.42
CA ASP B 7 2.61 -18.25 -14.22
C ASP B 7 2.95 -17.82 -12.80
N ASN B 8 2.26 -18.41 -11.82
CA ASN B 8 2.50 -18.08 -10.42
C ASN B 8 2.15 -16.62 -10.13
N LEU B 9 1.25 -16.07 -10.94
CA LEU B 9 0.83 -14.68 -10.77
C LEU B 9 -0.19 -14.55 -9.64
N ILE B 10 -0.82 -15.65 -9.29
CA ILE B 10 -1.81 -15.67 -8.22
C ILE B 10 -1.27 -14.99 -6.97
N PRO B 11 -0.14 -15.50 -6.46
CA PRO B 11 0.50 -14.95 -5.25
C PRO B 11 1.11 -13.58 -5.50
N VAL B 12 1.53 -13.33 -6.74
CA VAL B 12 2.13 -12.06 -7.11
C VAL B 12 1.14 -10.91 -6.98
N TYR B 13 0.08 -10.97 -7.77
CA TYR B 13 -0.96 -9.93 -7.75
C TYR B 13 -1.64 -9.89 -6.39
N ALA B 14 -1.87 -11.06 -5.81
CA ALA B 14 -2.52 -11.15 -4.50
C ALA B 14 -1.82 -10.27 -3.47
N SER B 15 -0.51 -10.47 -3.33
CA SER B 15 0.28 -9.68 -2.38
C SER B 15 0.27 -8.21 -2.75
N ILE B 16 0.66 -7.92 -3.99
CA ILE B 16 0.71 -6.54 -4.48
C ILE B 16 -0.61 -5.82 -4.19
N LEU B 17 -1.72 -6.49 -4.45
CA LEU B 17 -3.03 -5.91 -4.21
C LEU B 17 -3.24 -5.59 -2.73
N ALA B 18 -2.80 -6.50 -1.87
CA ALA B 18 -2.93 -6.31 -0.43
C ALA B 18 -2.23 -5.03 0.02
N ALA B 19 -0.98 -4.87 -0.41
CA ALA B 19 -0.20 -3.68 -0.05
C ALA B 19 -0.90 -2.40 -0.51
N VAL B 20 -1.47 -2.44 -1.71
CA VAL B 20 -2.18 -1.29 -2.27
C VAL B 20 -3.49 -1.05 -1.54
N VAL B 21 -4.17 -2.13 -1.17
CA VAL B 21 -5.43 -2.03 -0.45
C VAL B 21 -5.24 -1.49 0.96
N VAL B 22 -4.18 -1.96 1.62
CA VAL B 22 -3.87 -1.53 2.98
C VAL B 22 -3.39 -0.08 3.00
N GLY B 23 -2.54 0.27 2.03
CA GLY B 23 -2.02 1.62 1.96
C GLY B 23 -3.10 2.66 1.74
N LEU B 24 -4.06 2.33 0.87
CA LEU B 24 -5.16 3.23 0.55
C LEU B 24 -6.11 3.36 1.74
N VAL B 25 -6.54 2.20 2.27
CA VAL B 25 -7.46 2.19 3.40
C VAL B 25 -6.81 2.81 4.64
N ALA B 26 -5.69 2.24 5.07
CA ALA B 26 -4.97 2.74 6.23
C ALA B 26 -4.76 4.24 6.14
N TYR B 27 -4.07 4.67 5.08
CA TYR B 27 -3.79 6.09 4.88
C TYR B 27 -5.05 6.92 5.05
N ILE B 28 -5.96 6.81 4.09
CA ILE B 28 -7.21 7.56 4.12
C ILE B 28 -7.86 7.45 5.50
N ALA B 29 -8.11 6.22 5.95
CA ALA B 29 -8.73 6.00 7.25
C ALA B 29 -8.05 6.85 8.33
N PHE B 30 -6.79 6.57 8.59
CA PHE B 30 -6.04 7.31 9.61
C PHE B 30 -6.06 8.81 9.30
N LYS B 31 -6.24 9.15 8.04
CA LYS B 31 -6.28 10.55 7.61
C LYS B 31 -7.54 11.24 8.13
N ARG B 32 -8.69 10.64 7.86
CA ARG B 32 -9.96 11.19 8.30
C ARG B 32 -10.11 11.09 9.82
N TRP B 33 -9.55 10.03 10.39
CA TRP B 33 -9.62 9.81 11.83
C TRP B 33 -8.75 10.82 12.58
N ASN B 34 -7.72 11.31 11.90
CA ASN B 34 -6.81 12.28 12.50
C ASN B 34 -7.54 13.58 12.83
N SER B 35 -8.59 13.87 12.08
CA SER B 35 -9.37 15.09 12.29
C SER B 35 -10.44 14.87 13.36
N SER B 36 -10.43 13.68 13.96
CA SER B 36 -11.39 13.35 15.00
C SER B 36 -12.82 13.62 14.53
N LYS B 37 -13.08 13.37 13.25
CA LYS B 37 -14.40 13.60 12.68
C LYS B 37 -15.18 12.29 12.58
N GLN B 38 -16.47 12.35 12.92
CA GLN B 38 -17.33 11.18 12.87
C GLN B 38 -18.78 11.58 12.65
N ASN B 39 -19.38 11.03 11.60
CA ASN B 39 -20.78 11.32 11.28
C ASN B 39 -21.71 10.27 11.86
N LYS B 40 -21.64 9.05 11.32
CA LYS B 40 -22.46 7.96 11.80
C LYS B 40 -21.84 7.28 13.02
N GLN B 41 -22.49 7.42 14.16
CA GLN B 41 -22.01 6.81 15.40
C GLN B 41 -21.99 5.30 15.30
N MET A 1 12.89 -15.13 -21.02
CA MET A 1 13.64 -13.88 -20.94
C MET A 1 12.72 -12.68 -21.17
N THR A 2 13.09 -11.54 -20.61
CA THR A 2 12.31 -10.32 -20.75
C THR A 2 13.20 -9.11 -21.01
N ARG A 3 12.63 -8.08 -21.65
CA ARG A 3 13.38 -6.88 -21.95
C ARG A 3 12.44 -5.74 -22.32
N GLY A 4 12.98 -4.53 -22.43
CA GLY A 4 12.18 -3.37 -22.77
C GLY A 4 12.80 -2.07 -22.31
N THR A 5 12.92 -1.11 -23.21
CA THR A 5 13.50 0.19 -22.89
C THR A 5 12.55 1.01 -22.03
N THR A 6 11.48 1.49 -22.63
CA THR A 6 10.49 2.30 -21.92
C THR A 6 9.08 2.06 -22.46
N ASP A 7 8.18 1.64 -21.58
CA ASP A 7 6.80 1.38 -21.96
C ASP A 7 5.84 2.23 -21.15
N ASN A 8 6.23 3.47 -20.88
CA ASN A 8 5.41 4.39 -20.11
C ASN A 8 5.12 3.83 -18.72
N LEU A 9 5.96 2.91 -18.27
CA LEU A 9 5.80 2.31 -16.96
C LEU A 9 6.51 3.13 -15.88
N ILE A 10 7.22 4.17 -16.32
CA ILE A 10 7.95 5.04 -15.39
C ILE A 10 7.03 5.53 -14.28
N PRO A 11 5.92 6.19 -14.66
CA PRO A 11 4.94 6.72 -13.71
C PRO A 11 4.16 5.62 -13.01
N VAL A 12 3.80 4.59 -13.77
CA VAL A 12 3.04 3.47 -13.23
C VAL A 12 3.73 2.88 -12.00
N TYR A 13 4.97 2.44 -12.19
CA TYR A 13 5.75 1.85 -11.09
C TYR A 13 5.84 2.81 -9.92
N ALA A 14 6.05 4.08 -10.22
CA ALA A 14 6.16 5.11 -9.19
C ALA A 14 4.96 5.07 -8.24
N SER A 15 3.77 5.17 -8.81
CA SER A 15 2.54 5.15 -8.02
C SER A 15 2.41 3.83 -7.26
N ILE A 16 2.46 2.73 -8.00
CA ILE A 16 2.34 1.40 -7.41
C ILE A 16 3.29 1.25 -6.23
N LEU A 17 4.53 1.70 -6.40
CA LEU A 17 5.53 1.62 -5.34
C LEU A 17 5.11 2.44 -4.13
N ALA A 18 4.49 3.58 -4.37
CA ALA A 18 4.03 4.45 -3.30
C ALA A 18 2.99 3.76 -2.43
N ALA A 19 1.90 3.32 -3.07
CA ALA A 19 0.82 2.64 -2.35
C ALA A 19 1.37 1.48 -1.52
N VAL A 20 2.30 0.73 -2.09
CA VAL A 20 2.90 -0.41 -1.40
C VAL A 20 3.71 0.06 -0.19
N VAL A 21 4.71 0.90 -0.44
CA VAL A 21 5.56 1.41 0.62
C VAL A 21 4.72 2.04 1.73
N VAL A 22 3.74 2.85 1.35
CA VAL A 22 2.88 3.51 2.32
C VAL A 22 2.08 2.49 3.13
N GLY A 23 1.56 1.48 2.44
CA GLY A 23 0.79 0.45 3.11
C GLY A 23 1.58 -0.26 4.20
N LEU A 24 2.85 -0.54 3.92
CA LEU A 24 3.71 -1.21 4.89
C LEU A 24 4.09 -0.28 6.02
N VAL A 25 4.65 0.88 5.68
CA VAL A 25 5.05 1.86 6.68
C VAL A 25 3.87 2.28 7.55
N ALA A 26 2.81 2.75 6.92
CA ALA A 26 1.61 3.17 7.64
C ALA A 26 1.11 2.07 8.56
N TYR A 27 0.81 0.91 7.99
CA TYR A 27 0.31 -0.22 8.76
C TYR A 27 1.19 -0.47 9.98
N ILE A 28 2.43 -0.89 9.74
CA ILE A 28 3.36 -1.17 10.82
C ILE A 28 3.43 -0.01 11.81
N ALA A 29 3.62 1.20 11.27
CA ALA A 29 3.70 2.39 12.10
C ALA A 29 2.55 2.43 13.12
N PHE A 30 1.32 2.46 12.62
CA PHE A 30 0.15 2.51 13.48
C PHE A 30 0.03 1.21 14.30
N LYS A 31 0.63 0.15 13.79
CA LYS A 31 0.60 -1.15 14.46
C LYS A 31 1.22 -1.06 15.85
N ARG A 32 2.42 -0.48 15.92
CA ARG A 32 3.13 -0.35 17.19
C ARG A 32 2.59 0.85 17.97
N TRP A 33 2.36 1.95 17.27
CA TRP A 33 1.86 3.17 17.89
C TRP A 33 0.48 2.94 18.48
N ASN A 34 -0.22 1.93 17.98
CA ASN A 34 -1.56 1.59 18.46
C ASN A 34 -1.54 1.28 19.96
N SER A 35 -0.37 0.91 20.47
CA SER A 35 -0.22 0.58 21.88
C SER A 35 -0.05 1.85 22.71
N SER A 36 -0.02 3.00 22.04
CA SER A 36 0.14 4.27 22.71
C SER A 36 1.34 4.24 23.66
N LYS A 37 2.53 4.26 23.08
CA LYS A 37 3.76 4.23 23.88
C LYS A 37 4.88 5.01 23.17
N GLN A 38 5.57 5.84 23.95
CA GLN A 38 6.66 6.65 23.40
C GLN A 38 7.98 5.90 23.48
N ASN A 39 8.80 6.03 22.45
CA ASN A 39 10.10 5.37 22.40
C ASN A 39 11.07 6.12 21.49
N LYS A 40 12.36 6.00 21.78
CA LYS A 40 13.38 6.66 20.99
C LYS A 40 13.21 6.35 19.51
N GLN A 41 13.14 7.40 18.69
CA GLN A 41 12.97 7.23 17.25
C GLN A 41 14.32 7.20 16.54
N MET B 1 -1.38 -4.44 -26.71
CA MET B 1 -2.29 -5.41 -26.09
C MET B 1 -1.52 -6.42 -25.25
N THR B 2 -2.17 -6.97 -24.24
CA THR B 2 -1.55 -7.95 -23.37
C THR B 2 -2.50 -9.11 -23.07
N ARG B 3 -1.93 -10.26 -22.74
CA ARG B 3 -2.72 -11.45 -22.43
C ARG B 3 -1.88 -12.50 -21.71
N GLY B 4 -2.53 -13.55 -21.22
CA GLY B 4 -1.83 -14.61 -20.52
C GLY B 4 -2.73 -15.36 -19.56
N THR B 5 -2.72 -16.69 -19.66
CA THR B 5 -3.54 -17.52 -18.80
C THR B 5 -3.03 -17.50 -17.36
N THR B 6 -1.88 -18.13 -17.14
CA THR B 6 -1.28 -18.19 -15.81
C THR B 6 0.24 -18.17 -15.88
N ASP B 7 0.85 -17.18 -15.23
CA ASP B 7 2.30 -17.06 -15.23
C ASP B 7 2.84 -16.97 -13.80
N ASN B 8 2.24 -17.73 -12.90
CA ASN B 8 2.64 -17.73 -11.50
C ASN B 8 2.45 -16.36 -10.88
N LEU B 9 1.58 -15.56 -11.48
CA LEU B 9 1.29 -14.22 -10.99
C LEU B 9 0.17 -14.24 -9.95
N ILE B 10 -0.43 -15.41 -9.77
CA ILE B 10 -1.51 -15.57 -8.82
C ILE B 10 -1.13 -15.02 -7.45
N PRO B 11 -0.05 -15.54 -6.89
CA PRO B 11 0.46 -15.10 -5.58
C PRO B 11 1.03 -13.69 -5.61
N VAL B 12 1.77 -13.38 -6.67
CA VAL B 12 2.38 -12.06 -6.82
C VAL B 12 1.32 -10.96 -6.73
N TYR B 13 0.34 -11.02 -7.62
CA TYR B 13 -0.73 -10.03 -7.65
C TYR B 13 -1.44 -9.96 -6.30
N ALA B 14 -1.65 -11.12 -5.68
CA ALA B 14 -2.31 -11.20 -4.39
C ALA B 14 -1.64 -10.28 -3.37
N SER B 15 -0.33 -10.45 -3.20
CA SER B 15 0.42 -9.64 -2.26
C SER B 15 0.37 -8.16 -2.65
N ILE B 16 0.77 -7.88 -3.88
CA ILE B 16 0.77 -6.50 -4.37
C ILE B 16 -0.57 -5.82 -4.12
N LEU B 17 -1.65 -6.54 -4.39
CA LEU B 17 -2.99 -6.01 -4.19
C LEU B 17 -3.22 -5.66 -2.72
N ALA B 18 -2.73 -6.51 -1.82
CA ALA B 18 -2.88 -6.30 -0.39
C ALA B 18 -2.22 -5.00 0.03
N ALA B 19 -0.97 -4.80 -0.38
CA ALA B 19 -0.23 -3.59 -0.04
C ALA B 19 -0.96 -2.35 -0.53
N VAL B 20 -1.55 -2.44 -1.72
CA VAL B 20 -2.29 -1.32 -2.30
C VAL B 20 -3.61 -1.10 -1.59
N VAL B 21 -4.30 -2.20 -1.27
CA VAL B 21 -5.58 -2.13 -0.59
C VAL B 21 -5.42 -1.59 0.83
N VAL B 22 -4.39 -2.04 1.52
CA VAL B 22 -4.11 -1.61 2.88
C VAL B 22 -3.63 -0.16 2.91
N GLY B 23 -2.75 0.18 1.97
CA GLY B 23 -2.22 1.53 1.90
C GLY B 23 -3.30 2.56 1.68
N LEU B 24 -4.28 2.22 0.85
CA LEU B 24 -5.37 3.14 0.55
C LEU B 24 -6.30 3.30 1.76
N VAL B 25 -6.80 2.16 2.26
CA VAL B 25 -7.69 2.18 3.42
C VAL B 25 -6.99 2.78 4.64
N ALA B 26 -5.86 2.21 5.01
CA ALA B 26 -5.10 2.70 6.16
C ALA B 26 -4.86 4.20 6.07
N TYR B 27 -4.18 4.62 5.00
CA TYR B 27 -3.89 6.04 4.80
C TYR B 27 -5.13 6.89 5.02
N ILE B 28 -6.08 6.78 4.09
CA ILE B 28 -7.32 7.54 4.18
C ILE B 28 -7.92 7.45 5.58
N ALA B 29 -8.11 6.23 6.06
CA ALA B 29 -8.66 6.01 7.39
C ALA B 29 -7.97 6.87 8.43
N PHE B 30 -6.68 6.62 8.63
CA PHE B 30 -5.90 7.37 9.61
C PHE B 30 -5.92 8.86 9.28
N LYS B 31 -6.14 9.19 8.02
CA LYS B 31 -6.18 10.58 7.57
C LYS B 31 -7.32 11.33 8.27
N ARG B 32 -8.51 10.73 8.26
CA ARG B 32 -9.68 11.33 8.89
C ARG B 32 -9.64 11.14 10.40
N TRP B 33 -9.25 9.94 10.83
CA TRP B 33 -9.18 9.63 12.26
C TRP B 33 -8.15 10.51 12.95
N ASN B 34 -7.24 11.09 12.17
CA ASN B 34 -6.20 11.96 12.72
C ASN B 34 -6.82 13.17 13.41
N SER B 35 -8.08 13.45 13.10
CA SER B 35 -8.78 14.59 13.70
C SER B 35 -9.36 14.21 15.06
N SER B 36 -9.10 12.98 15.49
CA SER B 36 -9.61 12.49 16.77
C SER B 36 -11.12 12.56 16.81
N LYS B 37 -11.77 11.51 16.30
CA LYS B 37 -13.23 11.45 16.28
C LYS B 37 -13.72 10.05 16.67
N GLN B 38 -14.69 10.00 17.57
CA GLN B 38 -15.24 8.73 18.03
C GLN B 38 -16.39 8.28 17.13
N ASN B 39 -16.46 6.98 16.87
CA ASN B 39 -17.51 6.42 16.02
C ASN B 39 -17.75 4.95 16.35
N LYS B 40 -18.97 4.50 16.13
CA LYS B 40 -19.34 3.11 16.40
C LYS B 40 -18.37 2.15 15.72
N GLN B 41 -17.79 1.24 16.49
CA GLN B 41 -16.85 0.27 15.96
C GLN B 41 -17.56 -1.02 15.57
N MET A 1 13.45 -10.13 -11.47
CA MET A 1 13.36 -9.95 -12.90
C MET A 1 12.03 -9.33 -13.29
N THR A 2 11.98 -8.73 -14.48
CA THR A 2 10.76 -8.10 -14.97
C THR A 2 10.59 -8.32 -16.48
N ARG A 3 9.33 -8.39 -16.91
CA ARG A 3 9.03 -8.60 -18.32
C ARG A 3 8.24 -7.42 -18.89
N GLY A 4 7.94 -7.49 -20.19
CA GLY A 4 7.20 -6.42 -20.82
C GLY A 4 8.08 -5.27 -21.26
N THR A 5 7.66 -4.05 -20.94
CA THR A 5 8.41 -2.86 -21.30
C THR A 5 8.10 -1.70 -20.36
N THR A 6 9.14 -1.01 -19.90
CA THR A 6 8.97 0.12 -19.00
C THR A 6 8.38 1.33 -19.73
N ASP A 7 8.21 1.19 -21.04
CA ASP A 7 7.66 2.26 -21.85
C ASP A 7 6.25 2.64 -21.37
N ASN A 8 6.10 3.91 -20.95
CA ASN A 8 4.82 4.39 -20.46
C ASN A 8 4.46 3.75 -19.13
N LEU A 9 5.42 3.04 -18.54
CA LEU A 9 5.22 2.37 -17.27
C LEU A 9 5.77 3.22 -16.11
N ILE A 10 6.34 4.36 -16.45
CA ILE A 10 6.91 5.26 -15.45
C ILE A 10 5.88 5.57 -14.36
N PRO A 11 4.69 6.01 -14.77
CA PRO A 11 3.61 6.34 -13.83
C PRO A 11 3.03 5.11 -13.14
N VAL A 12 2.77 4.06 -13.93
CA VAL A 12 2.22 2.82 -13.39
C VAL A 12 3.02 2.34 -12.19
N TYR A 13 4.29 2.03 -12.43
CA TYR A 13 5.17 1.56 -11.36
C TYR A 13 5.29 2.59 -10.24
N ALA A 14 5.44 3.85 -10.63
CA ALA A 14 5.56 4.94 -9.66
C ALA A 14 4.41 4.91 -8.66
N SER A 15 3.17 4.91 -9.18
CA SER A 15 1.99 4.88 -8.32
C SER A 15 1.94 3.61 -7.49
N ILE A 16 2.03 2.47 -8.16
CA ILE A 16 2.00 1.17 -7.49
C ILE A 16 3.00 1.13 -6.35
N LEU A 17 4.20 1.63 -6.60
CA LEU A 17 5.25 1.66 -5.60
C LEU A 17 4.81 2.44 -4.36
N ALA A 18 4.27 3.64 -4.58
CA ALA A 18 3.81 4.48 -3.49
C ALA A 18 2.81 3.73 -2.61
N ALA A 19 1.82 3.10 -3.25
CA ALA A 19 0.80 2.36 -2.52
C ALA A 19 1.43 1.30 -1.62
N VAL A 20 2.43 0.59 -2.15
CA VAL A 20 3.12 -0.44 -1.38
C VAL A 20 3.83 0.14 -0.17
N VAL A 21 4.72 1.09 -0.42
CA VAL A 21 5.48 1.73 0.66
C VAL A 21 4.55 2.22 1.76
N VAL A 22 3.51 2.96 1.36
CA VAL A 22 2.53 3.49 2.32
C VAL A 22 1.84 2.36 3.07
N GLY A 23 1.44 1.33 2.34
CA GLY A 23 0.76 0.20 2.96
C GLY A 23 1.58 -0.42 4.08
N LEU A 24 2.88 -0.51 3.87
CA LEU A 24 3.77 -1.10 4.86
C LEU A 24 3.92 -0.18 6.07
N VAL A 25 4.41 1.04 5.83
CA VAL A 25 4.59 2.01 6.89
C VAL A 25 3.30 2.22 7.68
N ALA A 26 2.25 2.63 6.98
CA ALA A 26 0.96 2.86 7.61
C ALA A 26 0.54 1.66 8.47
N TYR A 27 0.59 0.48 7.87
CA TYR A 27 0.22 -0.75 8.57
C TYR A 27 1.00 -0.89 9.87
N ILE A 28 2.30 -0.62 9.81
CA ILE A 28 3.16 -0.72 10.99
C ILE A 28 2.74 0.29 12.06
N ALA A 29 2.59 1.55 11.64
CA ALA A 29 2.20 2.61 12.56
C ALA A 29 0.86 2.28 13.23
N PHE A 30 -0.06 1.73 12.46
CA PHE A 30 -1.38 1.37 12.98
C PHE A 30 -1.29 0.16 13.91
N LYS A 31 -0.27 -0.66 13.69
CA LYS A 31 -0.07 -1.87 14.49
C LYS A 31 0.66 -1.52 15.80
N ARG A 32 1.42 -0.44 15.77
CA ARG A 32 2.17 -0.01 16.94
C ARG A 32 1.27 0.75 17.91
N TRP A 33 0.48 1.67 17.37
CA TRP A 33 -0.42 2.48 18.18
C TRP A 33 -1.38 1.59 18.96
N ASN A 34 -1.67 0.41 18.42
CA ASN A 34 -2.58 -0.53 19.07
C ASN A 34 -1.92 -1.16 20.30
N SER A 35 -0.59 -1.22 20.28
CA SER A 35 0.16 -1.80 21.39
C SER A 35 0.42 -0.77 22.48
N SER A 36 -0.04 0.47 22.23
CA SER A 36 0.14 1.55 23.19
C SER A 36 1.62 1.70 23.57
N LYS A 37 2.49 1.50 22.58
CA LYS A 37 3.92 1.61 22.82
C LYS A 37 4.28 2.97 23.42
N GLN A 38 5.18 2.96 24.40
CA GLN A 38 5.61 4.20 25.06
C GLN A 38 6.19 5.17 24.05
N ASN A 39 6.78 4.65 22.98
CA ASN A 39 7.37 5.47 21.94
C ASN A 39 6.31 6.23 21.16
N LYS A 40 6.18 7.53 21.44
CA LYS A 40 5.20 8.37 20.76
C LYS A 40 5.80 9.00 19.51
N GLN A 41 6.98 9.59 19.66
CA GLN A 41 7.65 10.24 18.55
C GLN A 41 8.98 9.54 18.23
N MET B 1 -6.80 -2.14 -17.91
CA MET B 1 -6.37 -3.34 -18.60
C MET B 1 -5.04 -3.84 -18.04
N THR B 2 -4.72 -5.10 -18.31
CA THR B 2 -3.48 -5.70 -17.84
C THR B 2 -2.85 -6.59 -18.90
N ARG B 3 -1.52 -6.66 -18.90
CA ARG B 3 -0.80 -7.47 -19.87
C ARG B 3 -0.01 -8.58 -19.17
N GLY B 4 0.70 -9.38 -19.95
CA GLY B 4 1.49 -10.47 -19.39
C GLY B 4 0.67 -11.72 -19.17
N THR B 5 0.90 -12.38 -18.04
CA THR B 5 0.19 -13.61 -17.70
C THR B 5 0.21 -13.86 -16.21
N THR B 6 -0.94 -14.22 -15.65
CA THR B 6 -1.05 -14.50 -14.23
C THR B 6 -0.39 -15.83 -13.87
N ASP B 7 0.04 -16.57 -14.90
CA ASP B 7 0.68 -17.85 -14.69
C ASP B 7 1.89 -17.71 -13.77
N ASN B 8 1.87 -18.45 -12.65
CA ASN B 8 2.96 -18.40 -11.69
C ASN B 8 3.08 -17.01 -11.06
N LEU B 9 2.04 -16.20 -11.23
CA LEU B 9 2.01 -14.85 -10.68
C LEU B 9 0.88 -14.69 -9.68
N ILE B 10 0.48 -15.79 -9.07
CA ILE B 10 -0.61 -15.77 -8.08
C ILE B 10 -0.19 -14.99 -6.84
N PRO B 11 0.97 -15.34 -6.27
CA PRO B 11 1.50 -14.68 -5.08
C PRO B 11 1.96 -13.25 -5.35
N VAL B 12 2.64 -13.06 -6.48
CA VAL B 12 3.13 -11.74 -6.86
C VAL B 12 2.00 -10.71 -6.82
N TYR B 13 0.98 -10.90 -7.64
CA TYR B 13 -0.15 -9.99 -7.69
C TYR B 13 -0.88 -9.95 -6.35
N ALA B 14 -1.07 -11.12 -5.76
CA ALA B 14 -1.75 -11.23 -4.48
C ALA B 14 -1.13 -10.30 -3.44
N SER B 15 0.18 -10.42 -3.26
CA SER B 15 0.90 -9.58 -2.29
C SER B 15 0.80 -8.11 -2.67
N ILE B 16 1.23 -7.80 -3.89
CA ILE B 16 1.21 -6.42 -4.38
C ILE B 16 -0.17 -5.80 -4.16
N LEU B 17 -1.22 -6.55 -4.45
CA LEU B 17 -2.58 -6.06 -4.28
C LEU B 17 -2.84 -5.66 -2.83
N ALA B 18 -2.49 -6.55 -1.90
CA ALA B 18 -2.68 -6.29 -0.48
C ALA B 18 -2.03 -4.97 -0.08
N ALA B 19 -0.76 -4.80 -0.47
CA ALA B 19 -0.02 -3.59 -0.16
C ALA B 19 -0.78 -2.34 -0.60
N VAL B 20 -1.31 -2.38 -1.82
CA VAL B 20 -2.05 -1.26 -2.38
C VAL B 20 -3.30 -0.98 -1.55
N VAL B 21 -4.17 -1.99 -1.43
CA VAL B 21 -5.41 -1.83 -0.67
C VAL B 21 -5.14 -1.25 0.71
N VAL B 22 -4.18 -1.85 1.41
CA VAL B 22 -3.82 -1.39 2.75
C VAL B 22 -3.31 0.05 2.72
N GLY B 23 -2.46 0.35 1.75
CA GLY B 23 -1.92 1.69 1.63
C GLY B 23 -3.00 2.75 1.50
N LEU B 24 -4.05 2.43 0.76
CA LEU B 24 -5.16 3.36 0.57
C LEU B 24 -5.97 3.52 1.86
N VAL B 25 -6.52 2.41 2.35
CA VAL B 25 -7.30 2.43 3.58
C VAL B 25 -6.52 3.04 4.73
N ALA B 26 -5.37 2.46 5.03
CA ALA B 26 -4.52 2.96 6.12
C ALA B 26 -4.28 4.45 5.98
N TYR B 27 -3.89 4.88 4.78
CA TYR B 27 -3.62 6.29 4.52
C TYR B 27 -4.82 7.16 4.89
N ILE B 28 -6.01 6.70 4.50
CA ILE B 28 -7.23 7.43 4.80
C ILE B 28 -7.48 7.51 6.30
N ALA B 29 -7.40 6.36 6.97
CA ALA B 29 -7.61 6.31 8.42
C ALA B 29 -6.60 7.19 9.15
N PHE B 30 -5.36 7.20 8.67
CA PHE B 30 -4.31 8.00 9.27
C PHE B 30 -4.53 9.49 9.02
N LYS B 31 -5.22 9.78 7.92
CA LYS B 31 -5.50 11.18 7.55
C LYS B 31 -6.72 11.70 8.30
N ARG B 32 -7.61 10.78 8.69
CA ARG B 32 -8.81 11.16 9.42
C ARG B 32 -8.52 11.33 10.90
N TRP B 33 -7.79 10.38 11.47
CA TRP B 33 -7.44 10.43 12.89
C TRP B 33 -6.70 11.72 13.23
N ASN B 34 -5.99 12.27 12.24
CA ASN B 34 -5.25 13.51 12.43
C ASN B 34 -6.20 14.69 12.54
N SER B 35 -7.35 14.59 11.89
CA SER B 35 -8.34 15.66 11.91
C SER B 35 -9.27 15.52 13.11
N SER B 36 -9.00 14.53 13.96
CA SER B 36 -9.81 14.29 15.14
C SER B 36 -11.28 14.14 14.76
N LYS B 37 -11.53 13.53 13.61
CA LYS B 37 -12.89 13.32 13.13
C LYS B 37 -13.72 12.55 14.17
N GLN B 38 -14.96 12.99 14.36
CA GLN B 38 -15.85 12.34 15.32
C GLN B 38 -16.07 10.87 14.95
N ASN B 39 -15.98 10.57 13.65
CA ASN B 39 -16.17 9.21 13.18
C ASN B 39 -15.01 8.31 13.62
N LYS B 40 -15.27 7.46 14.60
CA LYS B 40 -14.25 6.55 15.12
C LYS B 40 -14.28 5.23 14.37
N GLN B 41 -15.48 4.66 14.23
CA GLN B 41 -15.65 3.38 13.54
C GLN B 41 -16.51 3.56 12.29
N MET A 1 11.51 -9.38 -20.55
CA MET A 1 10.41 -8.77 -21.30
C MET A 1 10.87 -7.50 -22.00
N THR A 2 10.04 -6.99 -22.90
CA THR A 2 10.36 -5.78 -23.65
C THR A 2 10.66 -4.62 -22.71
N ARG A 3 11.90 -4.13 -22.76
CA ARG A 3 12.31 -3.02 -21.90
C ARG A 3 12.86 -1.87 -22.74
N GLY A 4 12.55 -0.64 -22.33
CA GLY A 4 13.02 0.52 -23.05
C GLY A 4 11.90 1.25 -23.77
N THR A 5 10.72 1.28 -23.15
CA THR A 5 9.56 1.94 -23.74
C THR A 5 8.73 2.64 -22.67
N THR A 6 8.80 3.97 -22.64
CA THR A 6 8.06 4.75 -21.67
C THR A 6 6.63 4.26 -21.54
N ASP A 7 5.80 4.60 -22.54
CA ASP A 7 4.41 4.19 -22.54
C ASP A 7 3.71 4.62 -21.25
N ASN A 8 4.09 5.78 -20.74
CA ASN A 8 3.50 6.31 -19.52
C ASN A 8 3.58 5.29 -18.39
N LEU A 9 4.72 4.59 -18.31
CA LEU A 9 4.92 3.58 -17.28
C LEU A 9 5.60 4.19 -16.04
N ILE A 10 6.13 5.39 -16.21
CA ILE A 10 6.80 6.08 -15.11
C ILE A 10 5.89 6.18 -13.88
N PRO A 11 4.70 6.77 -14.07
CA PRO A 11 3.73 6.93 -12.99
C PRO A 11 3.11 5.60 -12.56
N VAL A 12 2.99 4.68 -13.52
CA VAL A 12 2.42 3.38 -13.24
C VAL A 12 3.13 2.69 -12.09
N TYR A 13 4.41 2.40 -12.27
CA TYR A 13 5.20 1.76 -11.24
C TYR A 13 5.45 2.69 -10.06
N ALA A 14 5.71 3.95 -10.36
CA ALA A 14 5.96 4.95 -9.33
C ALA A 14 4.82 5.00 -8.32
N SER A 15 3.60 5.14 -8.81
CA SER A 15 2.42 5.20 -7.95
C SER A 15 2.24 3.89 -7.20
N ILE A 16 2.19 2.78 -7.93
CA ILE A 16 2.03 1.46 -7.32
C ILE A 16 3.04 1.24 -6.21
N LEU A 17 4.30 1.62 -6.47
CA LEU A 17 5.37 1.47 -5.49
C LEU A 17 5.03 2.21 -4.21
N ALA A 18 4.61 3.47 -4.34
CA ALA A 18 4.27 4.28 -3.19
C ALA A 18 3.20 3.60 -2.33
N ALA A 19 2.12 3.19 -2.97
CA ALA A 19 1.02 2.52 -2.27
C ALA A 19 1.54 1.36 -1.43
N VAL A 20 2.40 0.55 -2.02
CA VAL A 20 2.98 -0.60 -1.33
C VAL A 20 3.79 -0.17 -0.13
N VAL A 21 4.85 0.60 -0.38
CA VAL A 21 5.71 1.09 0.69
C VAL A 21 4.90 1.74 1.81
N VAL A 22 4.00 2.63 1.43
CA VAL A 22 3.15 3.32 2.40
C VAL A 22 2.28 2.33 3.17
N GLY A 23 1.74 1.35 2.46
CA GLY A 23 0.90 0.35 3.08
C GLY A 23 1.63 -0.43 4.15
N LEU A 24 2.89 -0.77 3.89
CA LEU A 24 3.69 -1.52 4.85
C LEU A 24 4.08 -0.65 6.04
N VAL A 25 4.66 0.51 5.76
CA VAL A 25 5.07 1.43 6.81
C VAL A 25 3.88 1.88 7.65
N ALA A 26 2.86 2.41 6.99
CA ALA A 26 1.67 2.88 7.68
C ALA A 26 1.08 1.78 8.56
N TYR A 27 0.74 0.65 7.94
CA TYR A 27 0.16 -0.48 8.65
C TYR A 27 0.97 -0.81 9.91
N ILE A 28 2.20 -1.27 9.70
CA ILE A 28 3.08 -1.61 10.81
C ILE A 28 3.15 -0.48 11.83
N ALA A 29 3.49 0.71 11.36
CA ALA A 29 3.59 1.88 12.22
C ALA A 29 2.37 2.00 13.12
N PHE A 30 1.20 2.16 12.51
CA PHE A 30 -0.04 2.29 13.25
C PHE A 30 -0.31 1.04 14.08
N LYS A 31 0.29 -0.07 13.69
CA LYS A 31 0.13 -1.34 14.41
C LYS A 31 0.81 -1.29 15.76
N ARG A 32 2.02 -0.75 15.79
CA ARG A 32 2.79 -0.64 17.03
C ARG A 32 2.41 0.62 17.79
N TRP A 33 2.05 1.67 17.05
CA TRP A 33 1.67 2.94 17.66
C TRP A 33 0.51 2.75 18.62
N ASN A 34 -0.36 1.79 18.33
CA ASN A 34 -1.51 1.51 19.17
C ASN A 34 -1.07 1.14 20.58
N SER A 35 -0.04 0.29 20.67
CA SER A 35 0.47 -0.14 21.96
C SER A 35 1.62 0.75 22.43
N SER A 36 1.96 1.74 21.60
CA SER A 36 3.03 2.67 21.93
C SER A 36 2.69 4.08 21.47
N LYS A 37 2.25 4.92 22.41
CA LYS A 37 1.89 6.29 22.11
C LYS A 37 3.14 7.16 21.96
N GLN A 38 4.21 6.76 22.63
CA GLN A 38 5.46 7.51 22.57
C GLN A 38 6.26 7.15 21.32
N ASN A 39 7.13 8.06 20.89
CA ASN A 39 7.94 7.84 19.71
C ASN A 39 9.41 7.69 20.07
N LYS A 40 9.81 8.32 21.18
CA LYS A 40 11.18 8.27 21.65
C LYS A 40 11.67 6.82 21.75
N GLN A 41 10.83 5.96 22.30
CA GLN A 41 11.16 4.55 22.44
C GLN A 41 10.36 3.69 21.47
N MET B 1 -1.80 -8.14 -21.68
CA MET B 1 -0.55 -8.87 -21.50
C MET B 1 -0.78 -10.38 -21.47
N THR B 2 0.29 -11.15 -21.55
CA THR B 2 0.20 -12.60 -21.54
C THR B 2 -0.55 -13.09 -20.31
N ARG B 3 -1.70 -13.73 -20.53
CA ARG B 3 -2.51 -14.25 -19.43
C ARG B 3 -2.76 -15.74 -19.60
N GLY B 4 -2.75 -16.47 -18.49
CA GLY B 4 -2.98 -17.90 -18.54
C GLY B 4 -1.73 -18.70 -18.20
N THR B 5 -0.91 -18.16 -17.30
CA THR B 5 0.31 -18.82 -16.89
C THR B 5 0.60 -18.59 -15.41
N THR B 6 0.37 -19.62 -14.60
CA THR B 6 0.59 -19.54 -13.17
C THR B 6 1.93 -18.87 -12.86
N ASP B 7 3.01 -19.63 -13.05
CA ASP B 7 4.35 -19.11 -12.80
C ASP B 7 4.44 -18.49 -11.40
N ASN B 8 3.72 -19.08 -10.45
CA ASN B 8 3.72 -18.59 -9.08
C ASN B 8 3.40 -17.10 -9.04
N LEU B 9 2.47 -16.68 -9.89
CA LEU B 9 2.06 -15.29 -9.95
C LEU B 9 0.86 -15.03 -9.04
N ILE B 10 0.21 -16.11 -8.61
CA ILE B 10 -0.95 -15.99 -7.74
C ILE B 10 -0.65 -15.10 -6.53
N PRO B 11 0.39 -15.48 -5.76
CA PRO B 11 0.80 -14.72 -4.57
C PRO B 11 1.42 -13.38 -4.92
N VAL B 12 2.10 -13.33 -6.06
CA VAL B 12 2.75 -12.09 -6.52
C VAL B 12 1.75 -10.94 -6.55
N TYR B 13 0.79 -11.02 -7.47
CA TYR B 13 -0.22 -9.97 -7.61
C TYR B 13 -1.08 -9.89 -6.36
N ALA B 14 -1.42 -11.05 -5.79
CA ALA B 14 -2.24 -11.10 -4.58
C ALA B 14 -1.65 -10.23 -3.49
N SER B 15 -0.39 -10.46 -3.14
CA SER B 15 0.28 -9.70 -2.10
C SER B 15 0.36 -8.23 -2.47
N ILE B 16 0.92 -7.94 -3.65
CA ILE B 16 1.05 -6.57 -4.12
C ILE B 16 -0.28 -5.83 -4.02
N LEU B 17 -1.35 -6.49 -4.43
CA LEU B 17 -2.68 -5.89 -4.40
C LEU B 17 -3.05 -5.48 -2.98
N ALA B 18 -2.83 -6.39 -2.03
CA ALA B 18 -3.14 -6.12 -0.63
C ALA B 18 -2.42 -4.87 -0.15
N ALA B 19 -1.12 -4.81 -0.37
CA ALA B 19 -0.32 -3.67 0.04
C ALA B 19 -0.92 -2.36 -0.46
N VAL B 20 -1.30 -2.35 -1.73
CA VAL B 20 -1.89 -1.17 -2.34
C VAL B 20 -3.21 -0.79 -1.66
N VAL B 21 -4.18 -1.70 -1.71
CA VAL B 21 -5.47 -1.47 -1.10
C VAL B 21 -5.33 -1.00 0.35
N VAL B 22 -4.52 -1.73 1.11
CA VAL B 22 -4.30 -1.39 2.51
C VAL B 22 -3.66 -0.01 2.65
N GLY B 23 -2.71 0.28 1.77
CA GLY B 23 -2.04 1.56 1.80
C GLY B 23 -2.99 2.73 1.60
N LEU B 24 -3.94 2.56 0.70
CA LEU B 24 -4.92 3.61 0.40
C LEU B 24 -5.91 3.75 1.56
N VAL B 25 -6.52 2.63 1.95
CA VAL B 25 -7.49 2.64 3.04
C VAL B 25 -6.85 3.12 4.34
N ALA B 26 -5.79 2.45 4.76
CA ALA B 26 -5.08 2.81 5.98
C ALA B 26 -4.71 4.29 5.99
N TYR B 27 -3.96 4.72 4.99
CA TYR B 27 -3.54 6.10 4.87
C TYR B 27 -4.73 7.05 5.06
N ILE B 28 -5.62 7.07 4.08
CA ILE B 28 -6.80 7.92 4.14
C ILE B 28 -7.49 7.80 5.49
N ALA B 29 -7.80 6.58 5.89
CA ALA B 29 -8.46 6.32 7.16
C ALA B 29 -7.79 7.09 8.29
N PHE B 30 -6.54 6.76 8.56
CA PHE B 30 -5.78 7.41 9.62
C PHE B 30 -5.64 8.91 9.34
N LYS B 31 -5.83 9.29 8.08
CA LYS B 31 -5.73 10.68 7.68
C LYS B 31 -6.92 11.49 8.19
N ARG B 32 -8.12 10.93 8.03
CA ARG B 32 -9.33 11.60 8.49
C ARG B 32 -9.60 11.31 9.96
N TRP B 33 -9.18 10.14 10.41
CA TRP B 33 -9.37 9.74 11.80
C TRP B 33 -8.75 10.76 12.75
N ASN B 34 -7.68 11.40 12.31
CA ASN B 34 -6.99 12.39 13.12
C ASN B 34 -7.94 13.52 13.51
N SER B 35 -8.74 13.99 12.55
CA SER B 35 -9.68 15.06 12.78
C SER B 35 -11.05 14.51 13.16
N SER B 36 -11.14 13.18 13.30
CA SER B 36 -12.38 12.52 13.65
C SER B 36 -12.13 11.34 14.58
N LYS B 37 -12.37 11.56 15.88
CA LYS B 37 -12.17 10.51 16.87
C LYS B 37 -13.32 9.51 16.84
N GLN B 38 -14.49 9.97 16.41
CA GLN B 38 -15.67 9.11 16.34
C GLN B 38 -15.66 8.27 15.08
N ASN B 39 -16.37 7.15 15.11
CA ASN B 39 -16.43 6.25 13.96
C ASN B 39 -17.84 6.23 13.37
N LYS B 40 -18.83 6.49 14.22
CA LYS B 40 -20.22 6.48 13.79
C LYS B 40 -20.41 7.39 12.57
N GLN B 41 -19.80 8.56 12.61
CA GLN B 41 -19.90 9.52 11.51
C GLN B 41 -18.58 9.61 10.76
N MET A 1 15.51 3.73 -34.09
CA MET A 1 15.10 2.35 -34.34
C MET A 1 15.10 1.53 -33.05
N THR A 2 14.56 2.11 -31.98
CA THR A 2 14.51 1.45 -30.69
C THR A 2 13.13 1.57 -30.07
N ARG A 3 12.75 0.57 -29.27
CA ARG A 3 11.45 0.57 -28.61
C ARG A 3 11.60 0.34 -27.11
N GLY A 4 10.65 0.83 -26.34
CA GLY A 4 10.70 0.66 -24.89
C GLY A 4 9.36 0.92 -24.23
N THR A 5 8.71 -0.13 -23.75
CA THR A 5 7.42 -0.01 -23.09
C THR A 5 7.54 0.74 -21.77
N THR A 6 8.74 0.69 -21.18
CA THR A 6 8.99 1.36 -19.91
C THR A 6 8.65 2.84 -19.99
N ASP A 7 8.67 3.39 -21.21
CA ASP A 7 8.36 4.81 -21.42
C ASP A 7 7.00 5.15 -20.84
N ASN A 8 6.14 4.15 -20.73
CA ASN A 8 4.79 4.34 -20.20
C ASN A 8 4.66 3.73 -18.81
N LEU A 9 5.57 2.81 -18.48
CA LEU A 9 5.55 2.15 -17.19
C LEU A 9 6.22 3.00 -16.12
N ILE A 10 6.81 4.12 -16.55
CA ILE A 10 7.47 5.03 -15.63
C ILE A 10 6.53 5.46 -14.51
N PRO A 11 5.39 6.07 -14.89
CA PRO A 11 4.40 6.54 -13.93
C PRO A 11 3.67 5.39 -13.24
N VAL A 12 3.33 4.36 -14.01
CA VAL A 12 2.64 3.20 -13.47
C VAL A 12 3.36 2.64 -12.25
N TYR A 13 4.65 2.37 -12.40
CA TYR A 13 5.46 1.84 -11.31
C TYR A 13 5.53 2.83 -10.15
N ALA A 14 5.69 4.10 -10.47
CA ALA A 14 5.78 5.15 -9.47
C ALA A 14 4.60 5.07 -8.49
N SER A 15 3.39 5.03 -9.04
CA SER A 15 2.18 4.96 -8.22
C SER A 15 2.15 3.66 -7.42
N ILE A 16 2.29 2.54 -8.13
CA ILE A 16 2.28 1.23 -7.49
C ILE A 16 3.24 1.19 -6.30
N LEU A 17 4.44 1.74 -6.49
CA LEU A 17 5.44 1.77 -5.44
C LEU A 17 4.94 2.55 -4.22
N ALA A 18 4.33 3.71 -4.49
CA ALA A 18 3.81 4.55 -3.42
C ALA A 18 2.81 3.79 -2.55
N ALA A 19 1.79 3.23 -3.19
CA ALA A 19 0.77 2.47 -2.48
C ALA A 19 1.40 1.40 -1.60
N VAL A 20 2.38 0.69 -2.13
CA VAL A 20 3.07 -0.35 -1.39
C VAL A 20 3.81 0.22 -0.19
N VAL A 21 4.68 1.18 -0.44
CA VAL A 21 5.45 1.82 0.62
C VAL A 21 4.54 2.33 1.73
N VAL A 22 3.46 3.00 1.34
CA VAL A 22 2.51 3.54 2.30
C VAL A 22 1.82 2.42 3.09
N GLY A 23 1.41 1.38 2.37
CA GLY A 23 0.75 0.26 3.02
C GLY A 23 1.59 -0.35 4.13
N LEU A 24 2.88 -0.45 3.90
CA LEU A 24 3.80 -1.02 4.89
C LEU A 24 3.96 -0.08 6.08
N VAL A 25 4.42 1.14 5.82
CA VAL A 25 4.61 2.13 6.86
C VAL A 25 3.33 2.35 7.66
N ALA A 26 2.27 2.75 6.97
CA ALA A 26 0.99 2.98 7.62
C ALA A 26 0.58 1.80 8.49
N TYR A 27 0.68 0.60 7.94
CA TYR A 27 0.33 -0.61 8.66
C TYR A 27 1.15 -0.74 9.93
N ILE A 28 2.45 -0.46 9.83
CA ILE A 28 3.35 -0.54 10.97
C ILE A 28 3.00 0.50 12.02
N ALA A 29 2.90 1.76 11.60
CA ALA A 29 2.57 2.85 12.50
C ALA A 29 1.30 2.54 13.30
N PHE A 30 0.35 1.90 12.64
CA PHE A 30 -0.92 1.54 13.29
C PHE A 30 -0.71 0.41 14.30
N LYS A 31 -0.08 -0.67 13.85
CA LYS A 31 0.19 -1.81 14.70
C LYS A 31 0.86 -1.38 16.00
N ARG A 32 1.98 -0.68 15.88
CA ARG A 32 2.73 -0.21 17.04
C ARG A 32 1.84 0.67 17.93
N TRP A 33 1.00 1.48 17.30
CA TRP A 33 0.10 2.37 18.03
C TRP A 33 -0.91 1.58 18.83
N ASN A 34 -1.35 0.44 18.28
CA ASN A 34 -2.32 -0.41 18.94
C ASN A 34 -1.79 -0.91 20.27
N SER A 35 -0.52 -1.28 20.29
CA SER A 35 0.12 -1.78 21.50
C SER A 35 0.69 -0.64 22.34
N SER A 36 0.56 0.58 21.83
CA SER A 36 1.07 1.75 22.51
C SER A 36 0.01 2.34 23.44
N LYS A 37 0.46 2.87 24.57
CA LYS A 37 -0.44 3.47 25.55
C LYS A 37 -0.17 4.97 25.69
N GLN A 38 1.06 5.37 25.41
CA GLN A 38 1.45 6.77 25.52
C GLN A 38 0.56 7.65 24.64
N ASN A 39 0.37 8.89 25.05
CA ASN A 39 -0.46 9.83 24.29
C ASN A 39 0.17 11.23 24.29
N LYS A 40 -0.43 12.14 23.53
CA LYS A 40 0.07 13.50 23.44
C LYS A 40 -1.09 14.48 23.25
N GLN A 41 -0.85 15.74 23.61
CA GLN A 41 -1.87 16.77 23.49
C GLN A 41 -1.95 17.29 22.05
N MET B 1 8.44 -29.66 -21.34
CA MET B 1 8.14 -30.63 -20.31
C MET B 1 8.37 -30.04 -18.91
N THR B 2 7.91 -28.80 -18.72
CA THR B 2 8.08 -28.12 -17.44
C THR B 2 6.78 -27.45 -17.00
N ARG B 3 6.59 -27.35 -15.69
CA ARG B 3 5.38 -26.74 -15.15
C ARG B 3 5.74 -25.67 -14.12
N GLY B 4 4.90 -24.66 -13.99
CA GLY B 4 5.14 -23.58 -13.05
C GLY B 4 3.91 -22.72 -12.82
N THR B 5 3.31 -22.85 -11.64
CA THR B 5 2.12 -22.09 -11.31
C THR B 5 2.45 -20.60 -11.16
N THR B 6 3.68 -20.31 -10.75
CA THR B 6 4.12 -18.94 -10.57
C THR B 6 4.01 -18.14 -11.87
N ASP B 7 3.98 -18.86 -12.99
CA ASP B 7 3.88 -18.22 -14.29
C ASP B 7 2.59 -17.42 -14.40
N ASN B 8 1.63 -17.72 -13.54
CA ASN B 8 0.35 -17.02 -13.53
C ASN B 8 0.38 -15.83 -12.57
N LEU B 9 1.56 -15.56 -12.02
CA LEU B 9 1.72 -14.46 -11.08
C LEU B 9 0.62 -14.46 -10.03
N ILE B 10 0.13 -15.64 -9.68
CA ILE B 10 -0.92 -15.78 -8.68
C ILE B 10 -0.55 -15.07 -7.39
N PRO B 11 0.59 -15.46 -6.80
CA PRO B 11 1.09 -14.88 -5.56
C PRO B 11 1.56 -13.43 -5.74
N VAL B 12 2.25 -13.18 -6.85
CA VAL B 12 2.75 -11.84 -7.15
C VAL B 12 1.65 -10.80 -7.02
N TYR B 13 0.55 -11.01 -7.74
CA TYR B 13 -0.57 -10.07 -7.70
C TYR B 13 -1.20 -10.03 -6.32
N ALA B 14 -1.35 -11.20 -5.70
CA ALA B 14 -1.93 -11.31 -4.38
C ALA B 14 -1.25 -10.35 -3.40
N SER B 15 0.08 -10.43 -3.32
CA SER B 15 0.85 -9.58 -2.43
C SER B 15 0.69 -8.11 -2.82
N ILE B 16 0.97 -7.81 -4.08
CA ILE B 16 0.87 -6.44 -4.57
C ILE B 16 -0.49 -5.84 -4.22
N LEU B 17 -1.55 -6.62 -4.39
CA LEU B 17 -2.89 -6.16 -4.09
C LEU B 17 -3.04 -5.80 -2.62
N ALA B 18 -2.49 -6.65 -1.76
CA ALA B 18 -2.55 -6.43 -0.31
C ALA B 18 -1.92 -5.09 0.06
N ALA B 19 -0.70 -4.86 -0.42
CA ALA B 19 0.02 -3.62 -0.14
C ALA B 19 -0.79 -2.41 -0.60
N VAL B 20 -1.48 -2.56 -1.73
CA VAL B 20 -2.28 -1.48 -2.29
C VAL B 20 -3.55 -1.27 -1.47
N VAL B 21 -4.22 -2.37 -1.11
CA VAL B 21 -5.44 -2.31 -0.32
C VAL B 21 -5.18 -1.70 1.05
N VAL B 22 -4.08 -2.09 1.67
CA VAL B 22 -3.72 -1.57 2.99
C VAL B 22 -3.31 -0.11 2.91
N GLY B 23 -2.52 0.22 1.90
CA GLY B 23 -2.07 1.59 1.73
C GLY B 23 -3.22 2.57 1.58
N LEU B 24 -4.27 2.15 0.87
CA LEU B 24 -5.44 3.00 0.66
C LEU B 24 -6.23 3.16 1.95
N VAL B 25 -6.66 2.04 2.52
CA VAL B 25 -7.43 2.05 3.75
C VAL B 25 -6.66 2.75 4.87
N ALA B 26 -5.47 2.23 5.17
CA ALA B 26 -4.64 2.81 6.22
C ALA B 26 -4.49 4.32 6.04
N TYR B 27 -4.11 4.73 4.84
CA TYR B 27 -3.93 6.15 4.54
C TYR B 27 -5.16 6.95 4.94
N ILE B 28 -6.33 6.39 4.66
CA ILE B 28 -7.59 7.05 5.00
C ILE B 28 -7.76 7.18 6.51
N ALA B 29 -7.63 6.07 7.21
CA ALA B 29 -7.76 6.05 8.67
C ALA B 29 -6.84 7.10 9.31
N PHE B 30 -5.65 7.23 8.76
CA PHE B 30 -4.67 8.19 9.28
C PHE B 30 -5.10 9.62 8.97
N LYS B 31 -5.39 9.89 7.70
CA LYS B 31 -5.81 11.22 7.28
C LYS B 31 -6.98 11.71 8.11
N ARG B 32 -8.04 10.93 8.16
CA ARG B 32 -9.23 11.29 8.93
C ARG B 32 -8.87 11.50 10.40
N TRP B 33 -7.97 10.68 10.91
CA TRP B 33 -7.54 10.77 12.30
C TRP B 33 -6.82 12.09 12.56
N ASN B 34 -6.08 12.56 11.57
CA ASN B 34 -5.34 13.81 11.68
C ASN B 34 -6.28 14.98 11.94
N SER B 35 -7.43 14.99 11.25
CA SER B 35 -8.41 16.05 11.41
C SER B 35 -9.39 15.72 12.52
N SER B 36 -9.14 14.60 13.21
CA SER B 36 -10.01 14.16 14.29
C SER B 36 -9.54 14.74 15.63
N LYS B 37 -10.49 15.05 16.50
CA LYS B 37 -10.17 15.61 17.81
C LYS B 37 -10.60 14.65 18.92
N GLN B 38 -11.60 13.82 18.64
CA GLN B 38 -12.09 12.86 19.61
C GLN B 38 -10.97 11.93 20.08
N ASN B 39 -11.08 11.45 21.31
CA ASN B 39 -10.08 10.56 21.88
C ASN B 39 -10.74 9.46 22.71
N LYS B 40 -9.93 8.50 23.16
CA LYS B 40 -10.43 7.40 23.96
C LYS B 40 -9.39 6.96 24.99
N GLN B 41 -9.87 6.31 26.06
CA GLN B 41 -8.98 5.84 27.11
C GLN B 41 -8.31 4.53 26.72
N MET A 1 6.16 -6.58 -31.66
CA MET A 1 6.66 -5.36 -32.29
C MET A 1 6.99 -4.31 -31.24
N THR A 2 8.14 -3.64 -31.42
CA THR A 2 8.57 -2.60 -30.49
C THR A 2 9.33 -1.49 -31.21
N ARG A 3 8.69 -0.34 -31.37
CA ARG A 3 9.30 0.79 -32.04
C ARG A 3 8.91 2.10 -31.37
N GLY A 4 9.85 2.68 -30.62
CA GLY A 4 9.58 3.93 -29.93
C GLY A 4 8.48 3.80 -28.89
N THR A 5 8.87 3.61 -27.64
CA THR A 5 7.90 3.46 -26.55
C THR A 5 8.48 3.98 -25.24
N THR A 6 7.72 4.84 -24.57
CA THR A 6 8.15 5.41 -23.30
C THR A 6 7.12 6.39 -22.76
N ASP A 7 7.32 6.84 -21.52
CA ASP A 7 6.41 7.79 -20.89
C ASP A 7 5.03 7.16 -20.69
N ASN A 8 5.00 5.92 -20.25
CA ASN A 8 3.76 5.20 -20.02
C ASN A 8 3.82 4.39 -18.73
N LEU A 9 4.88 3.59 -18.59
CA LEU A 9 5.06 2.76 -17.41
C LEU A 9 5.80 3.51 -16.32
N ILE A 10 6.37 4.66 -16.68
CA ILE A 10 7.11 5.49 -15.73
C ILE A 10 6.28 5.77 -14.48
N PRO A 11 5.09 6.37 -14.69
CA PRO A 11 4.17 6.70 -13.59
C PRO A 11 3.54 5.46 -12.96
N VAL A 12 3.32 4.44 -13.78
CA VAL A 12 2.72 3.20 -13.30
C VAL A 12 3.48 2.66 -12.09
N TYR A 13 4.76 2.36 -12.29
CA TYR A 13 5.58 1.83 -11.22
C TYR A 13 5.67 2.81 -10.06
N ALA A 14 5.83 4.08 -10.38
CA ALA A 14 5.92 5.13 -9.35
C ALA A 14 4.74 5.05 -8.39
N SER A 15 3.53 5.07 -8.94
CA SER A 15 2.32 5.00 -8.13
C SER A 15 2.25 3.70 -7.35
N ILE A 16 2.40 2.58 -8.05
CA ILE A 16 2.36 1.28 -7.42
C ILE A 16 3.32 1.20 -6.24
N LEU A 17 4.52 1.74 -6.43
CA LEU A 17 5.53 1.74 -5.37
C LEU A 17 5.05 2.53 -4.15
N ALA A 18 4.41 3.66 -4.41
CA ALA A 18 3.90 4.51 -3.33
C ALA A 18 2.88 3.75 -2.48
N ALA A 19 1.85 3.22 -3.12
CA ALA A 19 0.82 2.48 -2.43
C ALA A 19 1.42 1.38 -1.55
N VAL A 20 2.42 0.68 -2.09
CA VAL A 20 3.08 -0.39 -1.37
C VAL A 20 3.83 0.15 -0.15
N VAL A 21 4.74 1.09 -0.40
CA VAL A 21 5.53 1.69 0.67
C VAL A 21 4.63 2.23 1.78
N VAL A 22 3.57 2.93 1.39
CA VAL A 22 2.63 3.49 2.36
C VAL A 22 1.92 2.40 3.14
N GLY A 23 1.49 1.36 2.43
CA GLY A 23 0.81 0.26 3.07
C GLY A 23 1.62 -0.38 4.17
N LEU A 24 2.93 -0.51 3.94
CA LEU A 24 3.82 -1.10 4.92
C LEU A 24 4.01 -0.18 6.12
N VAL A 25 4.48 1.04 5.84
CA VAL A 25 4.71 2.02 6.90
C VAL A 25 3.44 2.26 7.70
N ALA A 26 2.37 2.66 7.02
CA ALA A 26 1.10 2.92 7.68
C ALA A 26 0.70 1.75 8.57
N TYR A 27 0.64 0.56 7.99
CA TYR A 27 0.26 -0.63 8.73
C TYR A 27 1.07 -0.76 10.01
N ILE A 28 2.38 -0.95 9.87
CA ILE A 28 3.26 -1.09 11.02
C ILE A 28 3.04 0.05 12.02
N ALA A 29 3.14 1.28 11.52
CA ALA A 29 2.96 2.46 12.36
C ALA A 29 1.62 2.40 13.09
N PHE A 30 0.66 1.72 12.49
CA PHE A 30 -0.67 1.59 13.09
C PHE A 30 -0.71 0.43 14.08
N LYS A 31 0.14 -0.56 13.87
CA LYS A 31 0.20 -1.72 14.75
C LYS A 31 1.04 -1.42 15.99
N ARG A 32 2.26 -0.95 15.78
CA ARG A 32 3.15 -0.62 16.89
C ARG A 32 2.47 0.33 17.87
N TRP A 33 1.92 1.41 17.35
CA TRP A 33 1.24 2.40 18.18
C TRP A 33 0.15 1.75 19.01
N ASN A 34 -0.46 0.69 18.47
CA ASN A 34 -1.53 -0.02 19.16
C ASN A 34 -0.98 -0.78 20.36
N SER A 35 0.31 -1.12 20.30
CA SER A 35 0.95 -1.85 21.40
C SER A 35 1.43 -0.90 22.48
N SER A 36 1.22 0.39 22.26
CA SER A 36 1.62 1.41 23.22
C SER A 36 3.13 1.36 23.43
N LYS A 37 3.88 1.14 22.36
CA LYS A 37 5.33 1.08 22.43
C LYS A 37 5.97 2.26 21.69
N GLN A 38 6.64 3.12 22.45
CA GLN A 38 7.29 4.29 21.86
C GLN A 38 8.81 4.15 21.92
N ASN A 39 9.48 4.57 20.83
CA ASN A 39 10.93 4.49 20.76
C ASN A 39 11.49 5.63 19.92
N LYS A 40 12.80 5.85 20.03
CA LYS A 40 13.46 6.91 19.28
C LYS A 40 13.38 6.64 17.78
N GLN A 41 13.75 5.43 17.37
CA GLN A 41 13.71 5.06 15.96
C GLN A 41 12.28 4.84 15.50
N MET B 1 -3.96 -12.67 -28.27
CA MET B 1 -2.66 -13.24 -27.95
C MET B 1 -2.60 -13.71 -26.51
N THR B 2 -2.00 -14.88 -26.29
CA THR B 2 -1.89 -15.43 -24.94
C THR B 2 -0.60 -16.24 -24.79
N ARG B 3 0.34 -15.68 -24.04
CA ARG B 3 1.63 -16.34 -23.82
C ARG B 3 2.08 -16.16 -22.37
N GLY B 4 1.99 -17.22 -21.59
CA GLY B 4 2.40 -17.16 -20.20
C GLY B 4 1.52 -16.23 -19.38
N THR B 5 0.50 -16.79 -18.74
CA THR B 5 -0.41 -16.00 -17.93
C THR B 5 -1.05 -16.86 -16.83
N THR B 6 -0.98 -16.38 -15.59
CA THR B 6 -1.54 -17.09 -14.46
C THR B 6 -0.76 -18.37 -14.18
N ASP B 7 -1.12 -19.05 -13.10
CA ASP B 7 -0.46 -20.29 -12.71
C ASP B 7 0.99 -20.04 -12.30
N ASN B 8 1.27 -18.80 -11.91
CA ASN B 8 2.62 -18.41 -11.50
C ASN B 8 2.62 -17.07 -10.80
N LEU B 9 1.89 -16.11 -11.35
CA LEU B 9 1.79 -14.78 -10.77
C LEU B 9 0.66 -14.70 -9.75
N ILE B 10 0.09 -15.86 -9.41
CA ILE B 10 -1.00 -15.93 -8.45
C ILE B 10 -0.66 -15.14 -7.19
N PRO B 11 0.45 -15.51 -6.55
CA PRO B 11 0.91 -14.85 -5.31
C PRO B 11 1.40 -13.42 -5.57
N VAL B 12 2.01 -13.21 -6.74
CA VAL B 12 2.53 -11.90 -7.10
C VAL B 12 1.44 -10.83 -6.97
N TYR B 13 0.37 -10.97 -7.75
CA TYR B 13 -0.73 -10.02 -7.71
C TYR B 13 -1.36 -9.96 -6.32
N ALA B 14 -1.52 -11.13 -5.71
CA ALA B 14 -2.11 -11.22 -4.39
C ALA B 14 -1.41 -10.28 -3.41
N SER B 15 -0.09 -10.42 -3.30
CA SER B 15 0.69 -9.58 -2.40
C SER B 15 0.56 -8.10 -2.78
N ILE B 16 0.86 -7.80 -4.04
CA ILE B 16 0.78 -6.42 -4.52
C ILE B 16 -0.57 -5.79 -4.17
N LEU B 17 -1.64 -6.56 -4.36
CA LEU B 17 -2.98 -6.08 -4.06
C LEU B 17 -3.13 -5.73 -2.59
N ALA B 18 -2.56 -6.57 -1.73
CA ALA B 18 -2.62 -6.34 -0.28
C ALA B 18 -1.96 -5.01 0.08
N ALA B 19 -0.72 -4.82 -0.37
CA ALA B 19 0.02 -3.60 -0.07
C ALA B 19 -0.75 -2.37 -0.55
N VAL B 20 -1.46 -2.52 -1.67
CA VAL B 20 -2.23 -1.43 -2.23
C VAL B 20 -3.51 -1.18 -1.42
N VAL B 21 -4.20 -2.26 -1.10
CA VAL B 21 -5.44 -2.17 -0.32
C VAL B 21 -5.18 -1.58 1.05
N VAL B 22 -4.09 -2.00 1.69
CA VAL B 22 -3.73 -1.51 3.01
C VAL B 22 -3.29 -0.06 2.95
N GLY B 23 -2.48 0.27 1.95
CA GLY B 23 -1.99 1.63 1.80
C GLY B 23 -3.12 2.63 1.65
N LEU B 24 -4.17 2.25 0.94
CA LEU B 24 -5.32 3.11 0.73
C LEU B 24 -6.13 3.29 2.01
N VAL B 25 -6.58 2.17 2.56
CA VAL B 25 -7.36 2.18 3.80
C VAL B 25 -6.59 2.85 4.92
N ALA B 26 -5.40 2.34 5.21
CA ALA B 26 -4.56 2.88 6.27
C ALA B 26 -4.39 4.38 6.11
N TYR B 27 -3.89 4.80 4.95
CA TYR B 27 -3.67 6.22 4.67
C TYR B 27 -4.92 7.04 5.02
N ILE B 28 -6.00 6.80 4.28
CA ILE B 28 -7.25 7.51 4.51
C ILE B 28 -7.64 7.47 5.98
N ALA B 29 -7.71 6.27 6.54
CA ALA B 29 -8.08 6.09 7.94
C ALA B 29 -7.17 6.93 8.85
N PHE B 30 -5.96 7.19 8.38
CA PHE B 30 -4.99 7.97 9.15
C PHE B 30 -5.19 9.46 8.90
N LYS B 31 -5.71 9.79 7.73
CA LYS B 31 -5.94 11.19 7.36
C LYS B 31 -7.24 11.69 7.97
N ARG B 32 -8.33 10.98 7.71
CA ARG B 32 -9.64 11.36 8.24
C ARG B 32 -9.58 11.58 9.74
N TRP B 33 -9.05 10.60 10.46
CA TRP B 33 -8.93 10.69 11.91
C TRP B 33 -8.14 11.92 12.32
N ASN B 34 -7.18 12.31 11.48
CA ASN B 34 -6.35 13.47 11.76
C ASN B 34 -7.16 14.77 11.65
N SER B 35 -8.21 14.72 10.84
CA SER B 35 -9.07 15.89 10.64
C SER B 35 -10.14 15.96 11.72
N SER B 36 -10.07 15.03 12.67
CA SER B 36 -11.04 15.00 13.77
C SER B 36 -12.46 14.82 13.23
N LYS B 37 -12.60 14.00 12.18
CA LYS B 37 -13.89 13.75 11.58
C LYS B 37 -14.31 12.30 11.79
N GLN B 38 -15.39 12.10 12.53
CA GLN B 38 -15.90 10.77 12.81
C GLN B 38 -17.23 10.54 12.11
N ASN B 39 -17.41 9.34 11.55
CA ASN B 39 -18.64 8.99 10.85
C ASN B 39 -18.94 7.50 11.00
N LYS B 40 -20.18 7.13 10.68
CA LYS B 40 -20.60 5.74 10.76
C LYS B 40 -19.82 4.86 9.80
N GLN B 41 -19.76 5.30 8.53
CA GLN B 41 -19.05 4.56 7.51
C GLN B 41 -17.54 4.71 7.68
N MET A 1 7.64 -3.81 -28.00
CA MET A 1 6.71 -4.76 -28.60
C MET A 1 5.48 -4.05 -29.15
N THR A 2 5.16 -2.90 -28.57
CA THR A 2 4.01 -2.12 -29.01
C THR A 2 4.39 -0.65 -29.24
N ARG A 3 3.53 0.07 -29.93
CA ARG A 3 3.77 1.48 -30.22
C ARG A 3 3.88 2.29 -28.92
N GLY A 4 4.42 3.50 -29.03
CA GLY A 4 4.56 4.35 -27.87
C GLY A 4 5.31 3.67 -26.74
N THR A 5 6.63 3.67 -26.83
CA THR A 5 7.46 3.03 -25.81
C THR A 5 7.16 3.60 -24.43
N THR A 6 6.96 4.91 -24.36
CA THR A 6 6.66 5.57 -23.10
C THR A 6 5.29 5.15 -22.56
N ASP A 7 4.24 5.54 -23.27
CA ASP A 7 2.88 5.20 -22.87
C ASP A 7 2.64 5.57 -21.41
N ASN A 8 3.32 6.62 -20.95
CA ASN A 8 3.18 7.07 -19.57
C ASN A 8 3.36 5.91 -18.59
N LEU A 9 4.50 5.24 -18.69
CA LEU A 9 4.81 4.11 -17.82
C LEU A 9 5.51 4.58 -16.55
N ILE A 10 5.75 5.88 -16.46
CA ILE A 10 6.41 6.46 -15.29
C ILE A 10 5.56 6.31 -14.04
N PRO A 11 4.28 6.70 -14.14
CA PRO A 11 3.33 6.61 -13.03
C PRO A 11 2.96 5.16 -12.70
N VAL A 12 3.28 4.25 -13.62
CA VAL A 12 2.97 2.83 -13.43
C VAL A 12 3.73 2.28 -12.22
N TYR A 13 5.05 2.21 -12.33
CA TYR A 13 5.88 1.69 -11.26
C TYR A 13 5.99 2.70 -10.12
N ALA A 14 5.83 3.98 -10.46
CA ALA A 14 5.91 5.05 -9.47
C ALA A 14 4.74 4.99 -8.49
N SER A 15 3.54 4.87 -9.03
CA SER A 15 2.33 4.80 -8.21
C SER A 15 2.27 3.49 -7.43
N ILE A 16 2.46 2.38 -8.14
CA ILE A 16 2.44 1.06 -7.52
C ILE A 16 3.37 1.00 -6.32
N LEU A 17 4.57 1.54 -6.48
CA LEU A 17 5.56 1.55 -5.41
C LEU A 17 5.07 2.38 -4.22
N ALA A 18 4.56 3.57 -4.52
CA ALA A 18 4.04 4.45 -3.48
C ALA A 18 3.01 3.75 -2.61
N ALA A 19 2.02 3.14 -3.26
CA ALA A 19 0.97 2.42 -2.55
C ALA A 19 1.55 1.35 -1.63
N VAL A 20 2.48 0.57 -2.16
CA VAL A 20 3.13 -0.50 -1.39
C VAL A 20 3.85 0.08 -0.17
N VAL A 21 4.73 1.04 -0.41
CA VAL A 21 5.49 1.67 0.66
C VAL A 21 4.57 2.18 1.76
N VAL A 22 3.51 2.89 1.36
CA VAL A 22 2.55 3.43 2.31
C VAL A 22 1.85 2.32 3.08
N GLY A 23 1.42 1.28 2.35
CA GLY A 23 0.73 0.17 2.98
C GLY A 23 1.54 -0.45 4.10
N LEU A 24 2.85 -0.57 3.89
CA LEU A 24 3.73 -1.15 4.89
C LEU A 24 3.89 -0.23 6.09
N VAL A 25 4.40 0.98 5.83
CA VAL A 25 4.60 1.97 6.88
C VAL A 25 3.31 2.20 7.67
N ALA A 26 2.26 2.61 6.96
CA ALA A 26 0.98 2.87 7.59
C ALA A 26 0.54 1.69 8.45
N TYR A 27 0.60 0.50 7.89
CA TYR A 27 0.21 -0.71 8.61
C TYR A 27 1.02 -0.86 9.90
N ILE A 28 2.32 -0.63 9.79
CA ILE A 28 3.21 -0.75 10.94
C ILE A 28 2.87 0.30 12.01
N ALA A 29 2.78 1.56 11.57
CA ALA A 29 2.45 2.65 12.48
C ALA A 29 1.15 2.39 13.23
N PHE A 30 0.21 1.74 12.54
CA PHE A 30 -1.08 1.42 13.14
C PHE A 30 -0.93 0.39 14.26
N LYS A 31 -0.44 -0.79 13.90
CA LYS A 31 -0.24 -1.87 14.86
C LYS A 31 0.63 -1.39 16.03
N ARG A 32 1.50 -0.43 15.75
CA ARG A 32 2.40 0.09 16.77
C ARG A 32 1.65 1.04 17.71
N TRP A 33 0.67 1.75 17.16
CA TRP A 33 -0.12 2.69 17.95
C TRP A 33 -0.68 2.03 19.20
N ASN A 34 -0.95 0.73 19.09
CA ASN A 34 -1.49 -0.03 20.21
C ASN A 34 -0.45 -0.21 21.31
N SER A 35 0.81 -0.38 20.90
CA SER A 35 1.89 -0.57 21.85
C SER A 35 2.44 0.78 22.32
N SER A 36 1.87 1.86 21.78
CA SER A 36 2.30 3.20 22.14
C SER A 36 1.41 3.79 23.24
N LYS A 37 2.02 4.15 24.36
CA LYS A 37 1.29 4.72 25.48
C LYS A 37 1.66 6.19 25.68
N GLN A 38 2.88 6.55 25.29
CA GLN A 38 3.35 7.92 25.42
C GLN A 38 2.65 8.84 24.43
N ASN A 39 2.52 10.11 24.79
CA ASN A 39 1.87 11.09 23.92
C ASN A 39 2.90 12.01 23.28
N LYS A 40 2.69 12.31 22.00
CA LYS A 40 3.59 13.17 21.26
C LYS A 40 3.38 14.63 21.63
N GLN A 41 4.47 15.35 21.87
CA GLN A 41 4.40 16.76 22.23
C GLN A 41 3.75 17.58 21.12
N MET B 1 4.77 -16.64 -23.04
CA MET B 1 6.04 -16.18 -23.61
C MET B 1 7.21 -16.97 -23.05
N THR B 2 7.03 -17.48 -21.84
CA THR B 2 8.08 -18.26 -21.18
C THR B 2 7.53 -19.56 -20.62
N ARG B 3 8.43 -20.49 -20.30
CA ARG B 3 8.04 -21.79 -19.76
C ARG B 3 7.31 -21.62 -18.43
N GLY B 4 6.63 -22.67 -17.99
CA GLY B 4 5.91 -22.62 -16.74
C GLY B 4 4.94 -21.46 -16.67
N THR B 5 3.75 -21.65 -17.23
CA THR B 5 2.73 -20.60 -17.24
C THR B 5 2.46 -20.09 -15.83
N THR B 6 2.42 -21.00 -14.86
CA THR B 6 2.17 -20.64 -13.47
C THR B 6 3.34 -19.85 -12.90
N ASP B 7 4.49 -20.50 -12.77
CA ASP B 7 5.68 -19.85 -12.23
C ASP B 7 5.37 -19.18 -10.90
N ASN B 8 4.43 -19.74 -10.16
CA ASN B 8 4.04 -19.18 -8.86
C ASN B 8 3.72 -17.70 -8.99
N LEU B 9 2.82 -17.37 -9.91
CA LEU B 9 2.40 -15.99 -10.12
C LEU B 9 1.21 -15.63 -9.25
N ILE B 10 0.83 -16.54 -8.37
CA ILE B 10 -0.30 -16.32 -7.48
C ILE B 10 0.01 -15.22 -6.46
N PRO B 11 1.17 -15.35 -5.79
CA PRO B 11 1.61 -14.37 -4.78
C PRO B 11 1.99 -13.03 -5.41
N VAL B 12 2.08 -13.00 -6.73
CA VAL B 12 2.43 -11.78 -7.45
C VAL B 12 1.34 -10.73 -7.32
N TYR B 13 0.26 -10.91 -8.08
CA TYR B 13 -0.86 -9.98 -8.05
C TYR B 13 -1.54 -9.99 -6.69
N ALA B 14 -1.44 -11.11 -5.99
CA ALA B 14 -2.04 -11.25 -4.68
C ALA B 14 -1.39 -10.32 -3.66
N SER B 15 -0.07 -10.40 -3.56
CA SER B 15 0.69 -9.57 -2.62
C SER B 15 0.57 -8.10 -3.00
N ILE B 16 0.84 -7.80 -4.27
CA ILE B 16 0.77 -6.42 -4.75
C ILE B 16 -0.57 -5.78 -4.39
N LEU B 17 -1.65 -6.54 -4.58
CA LEU B 17 -2.98 -6.05 -4.27
C LEU B 17 -3.12 -5.74 -2.77
N ALA B 18 -2.62 -6.64 -1.94
CA ALA B 18 -2.69 -6.47 -0.50
C ALA B 18 -2.03 -5.16 -0.08
N ALA B 19 -0.84 -4.91 -0.59
CA ALA B 19 -0.10 -3.69 -0.28
C ALA B 19 -0.87 -2.45 -0.72
N VAL B 20 -1.53 -2.55 -1.86
CA VAL B 20 -2.32 -1.44 -2.40
C VAL B 20 -3.58 -1.21 -1.58
N VAL B 21 -4.26 -2.30 -1.22
CA VAL B 21 -5.48 -2.22 -0.44
C VAL B 21 -5.22 -1.61 0.93
N VAL B 22 -4.14 -2.05 1.57
CA VAL B 22 -3.78 -1.55 2.90
C VAL B 22 -3.33 -0.09 2.82
N GLY B 23 -2.51 0.22 1.82
CA GLY B 23 -2.02 1.56 1.65
C GLY B 23 -3.14 2.58 1.50
N LEU B 24 -4.19 2.20 0.78
CA LEU B 24 -5.33 3.08 0.56
C LEU B 24 -6.13 3.26 1.84
N VAL B 25 -6.61 2.15 2.40
CA VAL B 25 -7.39 2.18 3.63
C VAL B 25 -6.61 2.85 4.75
N ALA B 26 -5.44 2.30 5.07
CA ALA B 26 -4.60 2.85 6.13
C ALA B 26 -4.40 4.36 5.94
N TYR B 27 -4.00 4.75 4.75
CA TYR B 27 -3.77 6.17 4.45
C TYR B 27 -4.98 7.01 4.83
N ILE B 28 -6.17 6.52 4.51
CA ILE B 28 -7.41 7.21 4.82
C ILE B 28 -7.59 7.35 6.34
N ALA B 29 -7.48 6.23 7.04
CA ALA B 29 -7.63 6.23 8.49
C ALA B 29 -6.66 7.21 9.15
N PHE B 30 -5.47 7.33 8.57
CA PHE B 30 -4.45 8.23 9.09
C PHE B 30 -4.87 9.68 8.94
N LYS B 31 -5.05 10.11 7.70
CA LYS B 31 -5.46 11.49 7.41
C LYS B 31 -6.75 11.83 8.15
N ARG B 32 -7.57 10.82 8.41
CA ARG B 32 -8.83 11.03 9.10
C ARG B 32 -8.60 11.23 10.60
N TRP B 33 -7.58 10.57 11.13
CA TRP B 33 -7.24 10.67 12.55
C TRP B 33 -7.11 12.14 12.96
N ASN B 34 -6.67 12.98 12.03
CA ASN B 34 -6.49 14.40 12.31
C ASN B 34 -7.84 15.10 12.46
N SER B 35 -8.82 14.67 11.65
CA SER B 35 -10.15 15.26 11.68
C SER B 35 -11.00 14.57 12.74
N SER B 36 -10.40 13.65 13.49
CA SER B 36 -11.11 12.92 14.54
C SER B 36 -10.90 13.58 15.89
N LYS B 37 -12.00 13.97 16.53
CA LYS B 37 -11.94 14.61 17.84
C LYS B 37 -12.55 13.72 18.91
N GLN B 38 -13.50 12.88 18.50
CA GLN B 38 -14.16 11.96 19.43
C GLN B 38 -13.22 10.84 19.86
N ASN B 39 -13.44 10.32 21.06
CA ASN B 39 -12.61 9.24 21.59
C ASN B 39 -13.34 7.91 21.53
N LYS B 40 -12.63 6.85 21.16
CA LYS B 40 -13.21 5.52 21.07
C LYS B 40 -13.39 4.91 22.46
N GLN B 41 -14.55 4.33 22.69
CA GLN B 41 -14.85 3.70 23.98
C GLN B 41 -13.89 2.55 24.26
N MET A 1 7.76 -11.85 -18.92
CA MET A 1 7.50 -11.86 -20.36
C MET A 1 6.89 -10.54 -20.81
N THR A 2 7.71 -9.69 -21.41
CA THR A 2 7.24 -8.40 -21.90
C THR A 2 8.13 -7.88 -23.01
N ARG A 3 7.51 -7.34 -24.06
CA ARG A 3 8.26 -6.80 -25.19
C ARG A 3 8.61 -5.34 -24.96
N GLY A 4 7.81 -4.66 -24.14
CA GLY A 4 8.06 -3.25 -23.86
C GLY A 4 9.36 -3.04 -23.11
N THR A 5 9.81 -1.79 -23.07
CA THR A 5 11.05 -1.45 -22.39
C THR A 5 11.09 0.03 -22.01
N THR A 6 10.60 0.34 -20.81
CA THR A 6 10.58 1.71 -20.32
C THR A 6 9.53 2.54 -21.08
N ASP A 7 8.79 1.88 -21.95
CA ASP A 7 7.76 2.55 -22.73
C ASP A 7 6.84 3.37 -21.82
N ASN A 8 6.54 2.82 -20.65
CA ASN A 8 5.67 3.51 -19.69
C ASN A 8 5.64 2.76 -18.36
N LEU A 9 6.75 2.09 -18.05
CA LEU A 9 6.85 1.33 -16.80
C LEU A 9 7.24 2.24 -15.64
N ILE A 10 7.68 3.45 -15.97
CA ILE A 10 8.08 4.42 -14.96
C ILE A 10 6.99 4.62 -13.92
N PRO A 11 5.80 5.04 -14.40
CA PRO A 11 4.64 5.28 -13.54
C PRO A 11 4.07 3.99 -12.95
N VAL A 12 4.30 2.88 -13.65
CA VAL A 12 3.81 1.58 -13.20
C VAL A 12 4.43 1.19 -11.87
N TYR A 13 5.75 1.05 -11.85
CA TYR A 13 6.47 0.67 -10.64
C TYR A 13 6.39 1.78 -9.60
N ALA A 14 6.54 3.02 -10.05
CA ALA A 14 6.48 4.18 -9.16
C ALA A 14 5.22 4.14 -8.29
N SER A 15 4.06 3.97 -8.94
CA SER A 15 2.80 3.93 -8.22
C SER A 15 2.74 2.71 -7.31
N ILE A 16 2.97 1.53 -7.86
CA ILE A 16 2.95 0.29 -7.10
C ILE A 16 3.81 0.41 -5.84
N LEU A 17 5.00 0.97 -6.00
CA LEU A 17 5.92 1.14 -4.88
C LEU A 17 5.34 2.11 -3.85
N ALA A 18 4.63 3.13 -4.34
CA ALA A 18 4.03 4.12 -3.46
C ALA A 18 3.01 3.49 -2.52
N ALA A 19 2.07 2.73 -3.10
CA ALA A 19 1.04 2.06 -2.30
C ALA A 19 1.66 1.12 -1.28
N VAL A 20 2.66 0.36 -1.71
CA VAL A 20 3.34 -0.58 -0.82
C VAL A 20 4.09 0.14 0.29
N VAL A 21 5.05 0.98 -0.09
CA VAL A 21 5.83 1.73 0.88
C VAL A 21 4.93 2.41 1.90
N VAL A 22 3.91 3.10 1.41
CA VAL A 22 2.97 3.80 2.29
C VAL A 22 2.15 2.81 3.11
N GLY A 23 1.69 1.75 2.46
CA GLY A 23 0.89 0.74 3.14
C GLY A 23 1.65 0.08 4.27
N LEU A 24 2.94 -0.17 4.05
CA LEU A 24 3.77 -0.80 5.07
C LEU A 24 4.13 0.18 6.18
N VAL A 25 4.68 1.32 5.80
CA VAL A 25 5.06 2.35 6.77
C VAL A 25 3.87 2.78 7.60
N ALA A 26 2.78 3.15 6.92
CA ALA A 26 1.57 3.59 7.60
C ALA A 26 1.04 2.51 8.54
N TYR A 27 0.93 1.29 8.03
CA TYR A 27 0.44 0.17 8.82
C TYR A 27 1.33 -0.07 10.03
N ILE A 28 2.60 -0.37 9.76
CA ILE A 28 3.56 -0.63 10.83
C ILE A 28 3.60 0.52 11.83
N ALA A 29 3.77 1.74 11.32
CA ALA A 29 3.82 2.92 12.17
C ALA A 29 2.66 2.92 13.17
N PHE A 30 1.44 2.92 12.64
CA PHE A 30 0.24 2.92 13.48
C PHE A 30 0.17 1.66 14.32
N LYS A 31 0.82 0.59 13.86
CA LYS A 31 0.83 -0.68 14.57
C LYS A 31 1.47 -0.53 15.95
N ARG A 32 2.65 0.06 15.99
CA ARG A 32 3.36 0.26 17.24
C ARG A 32 2.92 1.55 17.91
N TRP A 33 2.61 2.56 17.10
CA TRP A 33 2.17 3.85 17.61
C TRP A 33 0.93 3.70 18.47
N ASN A 34 0.19 2.60 18.28
CA ASN A 34 -1.02 2.35 19.04
C ASN A 34 -0.72 2.26 20.53
N SER A 35 0.54 1.98 20.86
CA SER A 35 0.96 1.86 22.24
C SER A 35 1.30 3.23 22.83
N SER A 36 1.19 4.27 21.99
CA SER A 36 1.49 5.63 22.42
C SER A 36 2.95 5.76 22.83
N LYS A 37 3.85 5.37 21.93
CA LYS A 37 5.29 5.44 22.19
C LYS A 37 6.07 5.55 20.89
N GLN A 38 6.81 6.64 20.74
CA GLN A 38 7.62 6.86 19.55
C GLN A 38 9.10 7.01 19.90
N ASN A 39 9.37 7.71 21.00
CA ASN A 39 10.74 7.92 21.45
C ASN A 39 10.76 8.56 22.83
N LYS A 40 11.95 8.67 23.41
CA LYS A 40 12.12 9.25 24.74
C LYS A 40 13.54 9.75 24.94
N GLN A 41 13.68 10.89 25.59
CA GLN A 41 15.00 11.47 25.85
C GLN A 41 15.36 11.35 27.33
N MET B 1 -0.30 -4.69 -15.96
CA MET B 1 0.35 -4.81 -17.26
C MET B 1 1.14 -6.12 -17.34
N THR B 2 0.58 -7.09 -18.04
CA THR B 2 1.23 -8.39 -18.19
C THR B 2 0.70 -9.13 -19.43
N ARG B 3 1.62 -9.74 -20.17
CA ARG B 3 1.24 -10.47 -21.38
C ARG B 3 0.83 -11.90 -21.04
N GLY B 4 1.35 -12.41 -19.91
CA GLY B 4 1.03 -13.76 -19.50
C GLY B 4 -0.46 -13.97 -19.27
N THR B 5 -0.84 -15.18 -18.90
CA THR B 5 -2.24 -15.50 -18.66
C THR B 5 -2.38 -16.49 -17.49
N THR B 6 -2.29 -15.98 -16.27
CA THR B 6 -2.41 -16.82 -15.08
C THR B 6 -1.18 -17.70 -14.91
N ASP B 7 -0.20 -17.53 -15.80
CA ASP B 7 1.03 -18.32 -15.74
C ASP B 7 1.64 -18.27 -14.34
N ASN B 8 1.56 -17.10 -13.71
CA ASN B 8 2.11 -16.92 -12.37
C ASN B 8 1.87 -15.50 -11.88
N LEU B 9 0.75 -14.91 -12.27
CA LEU B 9 0.40 -13.55 -11.87
C LEU B 9 -0.50 -13.57 -10.64
N ILE B 10 -0.99 -14.75 -10.29
CA ILE B 10 -1.87 -14.89 -9.13
C ILE B 10 -1.25 -14.25 -7.89
N PRO B 11 -0.04 -14.69 -7.52
CA PRO B 11 0.68 -14.18 -6.36
C PRO B 11 1.17 -12.74 -6.58
N VAL B 12 1.42 -12.40 -7.84
CA VAL B 12 1.90 -11.06 -8.18
C VAL B 12 0.85 -10.01 -7.84
N TYR B 13 -0.27 -10.04 -8.55
CA TYR B 13 -1.35 -9.09 -8.33
C TYR B 13 -1.89 -9.19 -6.90
N ALA B 14 -1.95 -10.42 -6.40
CA ALA B 14 -2.44 -10.66 -5.05
C ALA B 14 -1.73 -9.78 -4.04
N SER B 15 -0.40 -9.86 -4.01
CA SER B 15 0.40 -9.08 -3.08
C SER B 15 0.29 -7.59 -3.40
N ILE B 16 0.53 -7.23 -4.65
CA ILE B 16 0.46 -5.84 -5.08
C ILE B 16 -0.84 -5.20 -4.62
N LEU B 17 -1.95 -5.89 -4.81
CA LEU B 17 -3.25 -5.38 -4.41
C LEU B 17 -3.34 -5.25 -2.89
N ALA B 18 -2.74 -6.19 -2.18
CA ALA B 18 -2.75 -6.16 -0.72
C ALA B 18 -2.12 -4.88 -0.19
N ALA B 19 -1.00 -4.48 -0.79
CA ALA B 19 -0.31 -3.26 -0.38
C ALA B 19 -1.14 -2.03 -0.68
N VAL B 20 -1.69 -1.97 -1.89
CA VAL B 20 -2.52 -0.83 -2.30
C VAL B 20 -3.78 -0.75 -1.45
N VAL B 21 -4.57 -1.81 -1.46
CA VAL B 21 -5.82 -1.84 -0.70
C VAL B 21 -5.60 -1.37 0.73
N VAL B 22 -4.61 -1.95 1.40
CA VAL B 22 -4.28 -1.59 2.77
C VAL B 22 -3.75 -0.16 2.85
N GLY B 23 -2.87 0.19 1.92
CA GLY B 23 -2.30 1.52 1.90
C GLY B 23 -3.35 2.61 1.75
N LEU B 24 -4.38 2.31 0.96
CA LEU B 24 -5.46 3.27 0.73
C LEU B 24 -6.41 3.33 1.92
N VAL B 25 -6.93 2.16 2.31
CA VAL B 25 -7.85 2.08 3.43
C VAL B 25 -7.20 2.63 4.70
N ALA B 26 -5.98 2.19 4.97
CA ALA B 26 -5.26 2.64 6.16
C ALA B 26 -5.01 4.15 6.11
N TYR B 27 -4.42 4.62 5.02
CA TYR B 27 -4.13 6.03 4.85
C TYR B 27 -5.38 6.87 5.04
N ILE B 28 -6.44 6.53 4.31
CA ILE B 28 -7.70 7.25 4.40
C ILE B 28 -8.30 7.14 5.79
N ALA B 29 -8.51 5.92 6.26
CA ALA B 29 -9.08 5.68 7.57
C ALA B 29 -8.32 6.46 8.64
N PHE B 30 -7.03 6.19 8.75
CA PHE B 30 -6.19 6.88 9.73
C PHE B 30 -6.32 8.39 9.61
N LYS B 31 -6.52 8.87 8.39
CA LYS B 31 -6.67 10.29 8.12
C LYS B 31 -7.77 10.89 8.99
N ARG B 32 -8.92 10.22 9.02
CA ARG B 32 -10.06 10.68 9.81
C ARG B 32 -9.97 10.16 11.25
N TRP B 33 -9.27 9.06 11.43
CA TRP B 33 -9.10 8.46 12.75
C TRP B 33 -8.48 9.45 13.71
N ASN B 34 -7.78 10.45 13.18
CA ASN B 34 -7.13 11.46 13.99
C ASN B 34 -8.15 12.21 14.85
N SER B 35 -9.41 12.20 14.41
CA SER B 35 -10.47 12.88 15.13
C SER B 35 -11.12 11.95 16.14
N SER B 36 -10.57 10.73 16.26
CA SER B 36 -11.10 9.75 17.19
C SER B 36 -12.54 9.38 16.85
N LYS B 37 -12.76 8.96 15.61
CA LYS B 37 -14.09 8.59 15.15
C LYS B 37 -14.00 7.60 14.00
N GLN B 38 -14.52 6.39 14.21
CA GLN B 38 -14.50 5.35 13.19
C GLN B 38 -15.92 4.86 12.89
N ASN B 39 -16.73 4.72 13.94
CA ASN B 39 -18.10 4.26 13.78
C ASN B 39 -18.86 4.39 15.10
N LYS B 40 -20.17 4.11 15.05
CA LYS B 40 -21.01 4.20 16.23
C LYS B 40 -22.24 3.32 16.08
N GLN B 41 -22.63 2.66 17.17
CA GLN B 41 -23.79 1.77 17.16
C GLN B 41 -24.95 2.40 17.94
N MET A 1 9.10 -8.93 -16.10
CA MET A 1 8.85 -7.94 -15.07
C MET A 1 8.49 -6.59 -15.69
N THR A 2 9.21 -6.22 -16.75
CA THR A 2 8.96 -4.95 -17.43
C THR A 2 8.90 -5.14 -18.93
N ARG A 3 8.11 -4.31 -19.60
CA ARG A 3 7.96 -4.39 -21.05
C ARG A 3 7.25 -3.15 -21.59
N GLY A 4 6.95 -3.17 -22.89
CA GLY A 4 6.27 -2.04 -23.50
C GLY A 4 7.15 -0.82 -23.61
N THR A 5 6.72 0.28 -22.98
CA THR A 5 7.48 1.52 -23.01
C THR A 5 7.76 2.02 -21.59
N THR A 6 8.84 1.53 -21.01
CA THR A 6 9.23 1.93 -19.66
C THR A 6 9.47 3.43 -19.58
N ASP A 7 9.70 4.06 -20.72
CA ASP A 7 9.94 5.49 -20.78
C ASP A 7 8.70 6.27 -20.34
N ASN A 8 7.56 5.59 -20.33
CA ASN A 8 6.30 6.21 -19.93
C ASN A 8 5.70 5.52 -18.72
N LEU A 9 6.38 4.46 -18.26
CA LEU A 9 5.91 3.71 -17.10
C LEU A 9 6.45 4.31 -15.81
N ILE A 10 7.20 5.39 -15.94
CA ILE A 10 7.77 6.07 -14.78
C ILE A 10 6.74 6.25 -13.68
N PRO A 11 5.58 6.82 -14.03
CA PRO A 11 4.48 7.05 -13.09
C PRO A 11 3.81 5.76 -12.65
N VAL A 12 3.68 4.81 -13.58
CA VAL A 12 3.06 3.52 -13.29
C VAL A 12 3.71 2.87 -12.07
N TYR A 13 5.00 2.57 -12.19
CA TYR A 13 5.74 1.94 -11.11
C TYR A 13 5.85 2.87 -9.90
N ALA A 14 6.09 4.15 -10.18
CA ALA A 14 6.22 5.15 -9.12
C ALA A 14 5.01 5.12 -8.19
N SER A 15 3.82 5.21 -8.76
CA SER A 15 2.59 5.20 -7.97
C SER A 15 2.43 3.87 -7.24
N ILE A 16 2.48 2.78 -7.99
CA ILE A 16 2.34 1.45 -7.42
C ILE A 16 3.28 1.26 -6.23
N LEU A 17 4.53 1.70 -6.40
CA LEU A 17 5.52 1.59 -5.34
C LEU A 17 5.12 2.40 -4.11
N ALA A 18 4.52 3.56 -4.34
CA ALA A 18 4.07 4.42 -3.25
C ALA A 18 3.01 3.73 -2.41
N ALA A 19 1.92 3.31 -3.05
CA ALA A 19 0.84 2.64 -2.35
C ALA A 19 1.35 1.47 -1.53
N VAL A 20 2.28 0.71 -2.11
CA VAL A 20 2.86 -0.45 -1.43
C VAL A 20 3.67 -0.02 -0.22
N VAL A 21 4.68 0.82 -0.45
CA VAL A 21 5.54 1.31 0.63
C VAL A 21 4.70 1.92 1.75
N VAL A 22 3.74 2.76 1.38
CA VAL A 22 2.87 3.42 2.34
C VAL A 22 2.06 2.39 3.14
N GLY A 23 1.53 1.39 2.43
CA GLY A 23 0.74 0.36 3.08
C GLY A 23 1.52 -0.38 4.15
N LEU A 24 2.78 -0.68 3.86
CA LEU A 24 3.63 -1.40 4.81
C LEU A 24 4.03 -0.49 5.98
N VAL A 25 4.57 0.68 5.65
CA VAL A 25 4.99 1.63 6.66
C VAL A 25 3.83 2.05 7.55
N ALA A 26 2.78 2.59 6.92
CA ALA A 26 1.59 3.02 7.65
C ALA A 26 1.07 1.92 8.55
N TYR A 27 0.75 0.77 7.96
CA TYR A 27 0.23 -0.37 8.70
C TYR A 27 1.11 -0.67 9.91
N ILE A 28 2.33 -1.13 9.65
CA ILE A 28 3.27 -1.46 10.72
C ILE A 28 3.37 -0.32 11.73
N ALA A 29 3.70 0.88 11.24
CA ALA A 29 3.82 2.05 12.10
C ALA A 29 2.63 2.16 13.05
N PHE A 30 1.43 2.31 12.47
CA PHE A 30 0.22 2.43 13.26
C PHE A 30 0.00 1.19 14.12
N LYS A 31 0.60 0.08 13.71
CA LYS A 31 0.48 -1.18 14.44
C LYS A 31 1.22 -1.11 15.77
N ARG A 32 2.46 -0.62 15.72
CA ARG A 32 3.29 -0.50 16.92
C ARG A 32 2.95 0.77 17.69
N TRP A 33 2.43 1.76 16.98
CA TRP A 33 2.07 3.03 17.59
C TRP A 33 0.77 2.91 18.38
N ASN A 34 -0.08 1.97 17.96
CA ASN A 34 -1.36 1.76 18.63
C ASN A 34 -1.15 1.36 20.08
N SER A 35 -0.01 0.75 20.38
CA SER A 35 0.30 0.33 21.73
C SER A 35 1.10 1.40 22.47
N SER A 36 1.38 2.50 21.77
CA SER A 36 2.14 3.60 22.36
C SER A 36 1.36 4.91 22.25
N LYS A 37 0.99 5.46 23.41
CA LYS A 37 0.24 6.71 23.46
C LYS A 37 1.17 7.89 23.70
N GLN A 38 0.73 9.07 23.26
CA GLN A 38 1.53 10.28 23.43
C GLN A 38 0.64 11.47 23.80
N ASN A 39 1.27 12.55 24.26
CA ASN A 39 0.54 13.75 24.65
C ASN A 39 0.37 14.69 23.47
N LYS A 40 1.50 15.22 22.98
CA LYS A 40 1.49 16.14 21.85
C LYS A 40 2.64 15.85 20.89
N GLN A 41 2.31 15.63 19.62
CA GLN A 41 3.32 15.34 18.61
C GLN A 41 3.76 16.61 17.90
N MET B 1 -1.84 -5.37 -18.75
CA MET B 1 -2.14 -5.53 -17.32
C MET B 1 -1.62 -6.88 -16.81
N THR B 2 -1.82 -7.93 -17.60
CA THR B 2 -1.37 -9.26 -17.22
C THR B 2 -0.64 -9.94 -18.37
N ARG B 3 0.30 -10.82 -18.03
CA ARG B 3 1.07 -11.54 -19.02
C ARG B 3 1.82 -12.72 -18.40
N GLY B 4 2.61 -13.42 -19.21
CA GLY B 4 3.36 -14.55 -18.71
C GLY B 4 2.46 -15.71 -18.32
N THR B 5 2.57 -16.13 -17.06
CA THR B 5 1.75 -17.24 -16.57
C THR B 5 1.01 -16.84 -15.30
N THR B 6 -0.17 -16.26 -15.47
CA THR B 6 -0.99 -15.83 -14.34
C THR B 6 -1.39 -17.02 -13.47
N ASP B 7 -1.27 -18.22 -14.03
CA ASP B 7 -1.61 -19.44 -13.30
C ASP B 7 -0.65 -19.67 -12.14
N ASN B 8 0.49 -18.99 -12.17
CA ASN B 8 1.49 -19.12 -11.12
C ASN B 8 1.74 -17.78 -10.44
N LEU B 9 1.11 -16.74 -10.96
CA LEU B 9 1.27 -15.40 -10.40
C LEU B 9 0.14 -15.08 -9.42
N ILE B 10 -0.39 -16.12 -8.79
CA ILE B 10 -1.48 -15.95 -7.83
C ILE B 10 -1.04 -15.11 -6.63
N PRO B 11 0.10 -15.49 -6.03
CA PRO B 11 0.66 -14.79 -4.87
C PRO B 11 1.19 -13.40 -5.24
N VAL B 12 1.82 -13.32 -6.41
CA VAL B 12 2.38 -12.05 -6.88
C VAL B 12 1.34 -10.93 -6.82
N TYR B 13 0.27 -11.07 -7.60
CA TYR B 13 -0.80 -10.08 -7.63
C TYR B 13 -1.50 -10.00 -6.28
N ALA B 14 -1.74 -11.16 -5.67
CA ALA B 14 -2.40 -11.22 -4.38
C ALA B 14 -1.73 -10.31 -3.36
N SER B 15 -0.42 -10.49 -3.20
CA SER B 15 0.35 -9.68 -2.24
C SER B 15 0.32 -8.22 -2.64
N ILE B 16 0.72 -7.92 -3.87
CA ILE B 16 0.73 -6.55 -4.37
C ILE B 16 -0.60 -5.86 -4.13
N LEU B 17 -1.69 -6.57 -4.39
CA LEU B 17 -3.02 -6.02 -4.19
C LEU B 17 -3.26 -5.67 -2.72
N ALA B 18 -2.81 -6.53 -1.82
CA ALA B 18 -2.96 -6.30 -0.40
C ALA B 18 -2.28 -5.00 0.02
N ALA B 19 -1.03 -4.83 -0.40
CA ALA B 19 -0.28 -3.64 -0.07
C ALA B 19 -0.99 -2.37 -0.55
N VAL B 20 -1.57 -2.45 -1.74
CA VAL B 20 -2.29 -1.33 -2.31
C VAL B 20 -3.62 -1.10 -1.61
N VAL B 21 -4.29 -2.19 -1.27
CA VAL B 21 -5.58 -2.11 -0.58
C VAL B 21 -5.42 -1.55 0.83
N VAL B 22 -4.38 -2.02 1.52
CA VAL B 22 -4.11 -1.56 2.88
C VAL B 22 -3.61 -0.12 2.90
N GLY B 23 -2.73 0.20 1.95
CA GLY B 23 -2.18 1.54 1.87
C GLY B 23 -3.26 2.58 1.64
N LEU B 24 -4.24 2.26 0.80
CA LEU B 24 -5.33 3.17 0.50
C LEU B 24 -6.24 3.36 1.70
N VAL B 25 -6.73 2.25 2.23
CA VAL B 25 -7.63 2.28 3.39
C VAL B 25 -6.92 2.89 4.60
N ALA B 26 -5.80 2.30 4.99
CA ALA B 26 -5.03 2.78 6.13
C ALA B 26 -4.76 4.28 6.02
N TYR B 27 -4.06 4.68 4.96
CA TYR B 27 -3.75 6.08 4.74
C TYR B 27 -4.98 6.96 4.93
N ILE B 28 -5.92 6.85 4.00
CA ILE B 28 -7.15 7.63 4.07
C ILE B 28 -7.76 7.59 5.46
N ALA B 29 -8.05 6.37 5.93
CA ALA B 29 -8.64 6.18 7.25
C ALA B 29 -7.91 7.01 8.30
N PHE B 30 -6.64 6.68 8.52
CA PHE B 30 -5.83 7.40 9.50
C PHE B 30 -5.81 8.89 9.21
N LYS B 31 -6.03 9.24 7.95
CA LYS B 31 -6.05 10.64 7.53
C LYS B 31 -7.29 11.36 8.06
N ARG B 32 -8.44 10.70 7.96
CA ARG B 32 -9.70 11.27 8.43
C ARG B 32 -9.84 11.09 9.94
N TRP B 33 -9.19 10.07 10.48
CA TRP B 33 -9.24 9.79 11.90
C TRP B 33 -8.38 10.77 12.68
N ASN B 34 -7.33 11.26 12.05
CA ASN B 34 -6.41 12.21 12.69
C ASN B 34 -7.15 13.49 13.06
N SER B 35 -8.18 13.82 12.30
CA SER B 35 -8.96 15.02 12.56
C SER B 35 -10.17 14.72 13.44
N SER B 36 -10.27 13.46 13.88
CA SER B 36 -11.36 13.03 14.73
C SER B 36 -10.85 12.41 16.02
N LYS B 37 -11.15 13.06 17.14
CA LYS B 37 -10.72 12.58 18.45
C LYS B 37 -11.83 11.78 19.13
N GLN B 38 -11.45 10.91 20.05
CA GLN B 38 -12.41 10.08 20.77
C GLN B 38 -12.04 9.98 22.25
N ASN B 39 -12.98 9.51 23.06
CA ASN B 39 -12.75 9.36 24.49
C ASN B 39 -12.20 7.98 24.82
N LYS B 40 -13.01 6.96 24.58
CA LYS B 40 -12.61 5.58 24.84
C LYS B 40 -13.09 4.64 23.73
N GLN B 41 -12.16 3.90 23.14
CA GLN B 41 -12.51 2.98 22.07
C GLN B 41 -12.75 1.58 22.62
#